data_5QD7
#
_entry.id   5QD7
#
_cell.length_a   81.752
_cell.length_b   103.186
_cell.length_c   100.144
_cell.angle_alpha   90.00
_cell.angle_beta   104.44
_cell.angle_gamma   90.00
#
_symmetry.space_group_name_H-M   'P 1 21 1'
#
loop_
_entity.id
_entity.type
_entity.pdbx_description
1 polymer 'Beta-secretase 1'
2 non-polymer '(4S)-4-[(1R)-1-hydroxy-2-({1-[3-(1-methylethyl)phenyl]cyclopropyl}amino)ethyl]-19-(methoxymethyl)-11-oxa-3,16-diazatric yclo[15.3.1.1~6,10~]docosa-1(21),6(22),7,9,17,19-hexaen-2-one'
3 water water
#
_entity_poly.entity_id   1
_entity_poly.type   'polypeptide(L)'
_entity_poly.pdbx_seq_one_letter_code
;GPDEEPEEPGRRGSFVEMVDNLRGKSGQGYYVEMTVGSPPQTLNILVDTGSSNFAVGAAPHPFLHRYYQRQLSSTYRDLR
KGVYVPYTQGKWEGELGTDLVSIPHGPNVTVRANIAAITESDKFFINGSNWEGILGLAYAEIARPDDSLEPFFDSLVKQT
HVPNLFSLQLCGAGFPLNQSEVLASVGGSMIIGGIDHSLYTGSLWYTPIRREWYYEVIIVRVEINGQDLKMDCKEYNYDK
SIVDSGTTNLRLPKKVFEAAVKSIKAASSTEKFPDGFWLGEQLVCWQAGTTPWNIFPVISLYLMGEVTNQSFRITILPQQ
YLRPVEDVATSQDDCYKFAISQSSTGTVMGAVIMEGFYVVFDRARKRIGFAVSACHVHDEFRTAAVEGPFVTLDMEDCGY
NI
;
_entity_poly.pdbx_strand_id   A,B,C
#
loop_
_chem_comp.id
_chem_comp.type
_chem_comp.name
_chem_comp.formula
0BI non-polymer '(4S)-4-[(1R)-1-hydroxy-2-({1-[3-(1-methylethyl)phenyl]cyclopropyl}amino)ethyl]-19-(methoxymethyl)-11-oxa-3,16-diazatric yclo[15.3.1.1~6,10~]docosa-1(21),6(22),7,9,17,19-hexaen-2-one' 'C35 H45 N3 O4'
#
# COMPACT_ATOMS: atom_id res chain seq x y z
N SER A 14 15.44 34.93 -2.87
CA SER A 14 16.80 34.48 -3.12
C SER A 14 16.86 32.96 -3.39
N PHE A 15 15.70 32.38 -3.73
CA PHE A 15 15.63 30.94 -3.97
C PHE A 15 16.31 30.53 -5.28
N VAL A 16 16.50 31.46 -6.21
CA VAL A 16 17.10 31.12 -7.51
C VAL A 16 18.48 30.51 -7.30
N GLU A 17 19.16 30.89 -6.21
CA GLU A 17 20.47 30.34 -5.89
C GLU A 17 20.43 28.84 -5.58
N MET A 18 19.25 28.30 -5.30
CA MET A 18 19.12 26.90 -4.97
C MET A 18 18.52 26.08 -6.11
N VAL A 19 18.04 26.73 -7.16
CA VAL A 19 17.55 25.98 -8.31
C VAL A 19 18.71 25.18 -8.90
N ASP A 20 18.44 23.92 -9.23
CA ASP A 20 19.41 23.04 -9.89
C ASP A 20 20.62 22.74 -8.99
N ASN A 21 20.42 22.72 -7.67
CA ASN A 21 21.53 22.43 -6.76
C ASN A 21 21.66 20.95 -6.45
N LEU A 22 20.86 20.10 -7.08
CA LEU A 22 20.93 18.66 -6.88
C LEU A 22 21.47 18.00 -8.14
N ARG A 23 22.28 16.97 -7.94
CA ARG A 23 22.82 16.13 -9.01
C ARG A 23 22.66 14.69 -8.57
N GLY A 24 22.88 13.78 -9.51
CA GLY A 24 22.93 12.37 -9.17
C GLY A 24 23.18 11.53 -10.40
N LYS A 25 23.52 10.27 -10.15
CA LYS A 25 23.45 9.22 -11.16
C LYS A 25 22.14 8.44 -10.99
N SER A 26 21.58 8.00 -12.12
CA SER A 26 20.29 7.31 -12.11
C SER A 26 20.30 6.11 -11.17
N GLY A 27 19.29 6.04 -10.28
CA GLY A 27 19.17 4.96 -9.33
C GLY A 27 20.15 5.01 -8.17
N GLN A 28 21.01 6.03 -8.11
CA GLN A 28 22.03 6.10 -7.08
C GLN A 28 21.80 7.25 -6.10
N GLY A 29 20.67 7.93 -6.18
CA GLY A 29 20.30 8.94 -5.22
C GLY A 29 20.66 10.34 -5.70
N TYR A 30 19.88 11.32 -5.24
CA TYR A 30 20.16 12.73 -5.47
C TYR A 30 21.01 13.31 -4.34
N TYR A 31 22.02 14.11 -4.68
CA TYR A 31 22.89 14.68 -3.65
C TYR A 31 23.06 16.18 -3.85
N VAL A 32 23.35 16.85 -2.75
CA VAL A 32 23.56 18.27 -2.69
C VAL A 32 24.97 18.49 -2.15
N GLU A 33 25.61 19.56 -2.61
CA GLU A 33 26.93 19.88 -2.10
C GLU A 33 26.81 20.60 -0.76
N MET A 34 27.64 20.18 0.20
CA MET A 34 27.70 20.78 1.52
C MET A 34 29.15 20.95 1.90
N THR A 35 29.43 21.81 2.88
CA THR A 35 30.74 21.87 3.50
C THR A 35 30.58 21.64 4.99
N VAL A 36 31.56 20.94 5.57
CA VAL A 36 31.63 20.71 7.01
C VAL A 36 33.01 21.12 7.49
N GLY A 37 33.07 21.71 8.68
CA GLY A 37 34.33 21.99 9.34
C GLY A 37 34.92 23.34 9.00
N SER A 38 35.96 23.69 9.74
CA SER A 38 36.74 24.91 9.54
C SER A 38 38.21 24.53 9.43
N PRO A 39 38.85 24.72 8.27
CA PRO A 39 38.30 25.28 7.03
C PRO A 39 37.30 24.32 6.35
N PRO A 40 36.43 24.87 5.50
CA PRO A 40 35.34 24.05 4.94
C PRO A 40 35.85 22.87 4.15
N GLN A 41 35.34 21.68 4.47
CA GLN A 41 35.57 20.49 3.65
C GLN A 41 34.33 20.19 2.82
N THR A 42 34.51 20.07 1.50
CA THR A 42 33.41 19.92 0.57
C THR A 42 33.09 18.44 0.41
N LEU A 43 31.81 18.11 0.52
CA LEU A 43 31.32 16.75 0.35
C LEU A 43 29.96 16.81 -0.34
N ASN A 44 29.69 15.79 -1.15
CA ASN A 44 28.37 15.59 -1.74
C ASN A 44 27.54 14.72 -0.82
N ILE A 45 26.33 15.16 -0.51
CA ILE A 45 25.51 14.58 0.55
C ILE A 45 24.17 14.16 -0.04
N LEU A 46 23.87 12.87 0.07
CA LEU A 46 22.61 12.33 -0.39
C LEU A 46 21.43 12.98 0.34
N VAL A 47 20.41 13.37 -0.44
CA VAL A 47 19.21 14.00 0.11
C VAL A 47 18.21 12.90 0.45
N ASP A 48 17.93 12.71 1.75
CA ASP A 48 17.10 11.58 2.22
C ASP A 48 15.97 12.01 3.15
N THR A 49 14.75 12.11 2.63
CA THR A 49 13.60 12.35 3.49
C THR A 49 13.13 11.09 4.23
N GLY A 50 13.78 9.95 4.03
CA GLY A 50 13.41 8.71 4.70
C GLY A 50 14.24 8.36 5.93
N SER A 51 15.07 9.28 6.43
CA SER A 51 15.83 9.07 7.66
C SER A 51 16.13 10.42 8.26
N SER A 52 16.81 10.41 9.41
CA SER A 52 16.96 11.64 10.17
C SER A 52 18.37 11.89 10.69
N ASN A 53 19.37 11.13 10.28
CA ASN A 53 20.75 11.33 10.72
C ASN A 53 21.56 11.99 9.62
N PHE A 54 22.33 12.99 9.99
CA PHE A 54 23.36 13.55 9.12
C PHE A 54 24.65 12.77 9.38
N ALA A 55 25.17 12.10 8.35
CA ALA A 55 26.34 11.26 8.50
C ALA A 55 27.23 11.36 7.27
N VAL A 56 28.55 11.32 7.49
CA VAL A 56 29.51 11.48 6.41
C VAL A 56 30.61 10.45 6.54
N GLY A 57 31.10 9.97 5.40
CA GLY A 57 32.31 9.19 5.38
C GLY A 57 33.43 9.92 6.10
N ALA A 58 34.10 9.25 7.03
CA ALA A 58 35.14 9.90 7.82
C ALA A 58 36.39 9.01 7.90
N ALA A 59 36.48 8.02 7.04
CA ALA A 59 37.60 7.10 6.95
C ALA A 59 37.69 6.65 5.49
N PRO A 60 38.86 6.22 5.05
CA PRO A 60 38.99 5.78 3.66
C PRO A 60 38.02 4.65 3.35
N HIS A 61 37.61 4.57 2.09
CA HIS A 61 36.71 3.52 1.65
C HIS A 61 36.93 3.33 0.17
N PRO A 62 36.85 2.11 -0.36
CA PRO A 62 37.07 1.91 -1.80
C PRO A 62 36.18 2.76 -2.69
N PHE A 63 34.95 3.07 -2.24
CA PHE A 63 33.99 3.83 -3.03
C PHE A 63 33.97 5.31 -2.69
N LEU A 64 34.80 5.77 -1.76
CA LEU A 64 34.88 7.18 -1.43
C LEU A 64 36.07 7.83 -2.10
N HIS A 65 35.83 8.95 -2.77
CA HIS A 65 36.91 9.74 -3.32
C HIS A 65 37.41 10.79 -2.34
N ARG A 66 36.58 11.13 -1.35
CA ARG A 66 36.97 12.05 -0.30
C ARG A 66 36.16 11.72 0.95
N TYR A 67 36.58 12.25 2.08
CA TYR A 67 35.83 12.00 3.31
C TYR A 67 36.15 13.09 4.30
N TYR A 68 35.37 13.11 5.38
CA TYR A 68 35.48 14.11 6.43
C TYR A 68 36.68 13.79 7.31
N GLN A 69 37.57 14.76 7.49
CA GLN A 69 38.77 14.58 8.29
C GLN A 69 38.63 15.48 9.52
N ARG A 70 38.15 14.89 10.62
CA ARG A 70 37.83 15.67 11.80
C ARG A 70 39.06 16.37 12.36
N GLN A 71 40.22 15.74 12.23
CA GLN A 71 41.46 16.29 12.75
C GLN A 71 41.83 17.60 12.04
N LEU A 72 41.35 17.81 10.82
CA LEU A 72 41.67 19.01 10.06
C LEU A 72 40.71 20.17 10.31
N SER A 73 39.67 19.97 11.12
CA SER A 73 38.68 20.99 11.38
C SER A 73 38.86 21.53 12.78
N SER A 74 39.09 22.83 12.89
CA SER A 74 39.29 23.46 14.19
C SER A 74 38.00 23.63 14.98
N THR A 75 36.84 23.49 14.33
CA THR A 75 35.56 23.65 15.01
C THR A 75 34.92 22.32 15.39
N TYR A 76 35.56 21.19 15.09
CA TYR A 76 35.00 19.89 15.44
C TYR A 76 34.96 19.67 16.95
N ARG A 77 33.86 19.09 17.42
CA ARG A 77 33.72 18.70 18.83
C ARG A 77 33.31 17.25 18.88
N ASP A 78 34.01 16.46 19.70
CA ASP A 78 33.69 15.06 19.88
C ASP A 78 32.54 14.93 20.88
N LEU A 79 31.52 14.16 20.51
CA LEU A 79 30.43 13.92 21.46
C LEU A 79 30.67 12.68 22.32
N ARG A 80 31.74 11.93 22.07
CA ARG A 80 32.13 10.78 22.89
C ARG A 80 30.97 9.79 23.04
N LYS A 81 30.31 9.52 21.92
CA LYS A 81 29.20 8.58 21.85
C LYS A 81 29.24 7.92 20.48
N GLY A 82 29.00 6.61 20.45
CA GLY A 82 28.91 5.89 19.20
C GLY A 82 27.52 5.97 18.58
N VAL A 83 27.41 5.53 17.34
CA VAL A 83 26.13 5.58 16.64
C VAL A 83 26.19 4.58 15.49
N TYR A 84 25.05 3.95 15.23
CA TYR A 84 24.89 3.13 14.04
C TYR A 84 23.49 3.37 13.49
N VAL A 85 23.35 3.26 12.17
CA VAL A 85 22.05 3.38 11.52
C VAL A 85 21.87 2.22 10.56
N PRO A 86 20.88 1.36 10.76
CA PRO A 86 20.58 0.34 9.76
C PRO A 86 19.44 0.78 8.85
N TYR A 87 19.68 0.88 7.53
CA TYR A 87 18.63 1.21 6.58
C TYR A 87 18.01 -0.12 6.10
N THR A 88 17.32 -0.10 4.95
CA THR A 88 16.68 -1.33 4.48
C THR A 88 17.70 -2.44 4.26
N GLN A 89 18.78 -2.12 3.59
CA GLN A 89 19.85 -3.08 3.29
C GLN A 89 21.21 -2.62 3.80
N GLY A 90 21.59 -1.36 3.57
CA GLY A 90 22.89 -0.89 4.00
C GLY A 90 22.89 -0.43 5.42
N LYS A 91 24.09 -0.28 5.97
CA LYS A 91 24.19 0.24 7.32
C LYS A 91 25.59 0.79 7.51
N TRP A 92 25.72 1.70 8.47
CA TRP A 92 27.02 2.23 8.83
C TRP A 92 27.06 2.42 10.33
N GLU A 93 28.26 2.51 10.86
CA GLU A 93 28.44 2.90 12.25
C GLU A 93 29.53 3.96 12.29
N GLY A 94 29.49 4.77 13.33
CA GLY A 94 30.48 5.81 13.45
C GLY A 94 30.45 6.45 14.81
N GLU A 95 31.03 7.65 14.85
CA GLU A 95 31.24 8.41 16.07
C GLU A 95 30.52 9.74 15.95
N LEU A 96 29.74 10.09 16.97
CA LEU A 96 29.01 11.34 16.97
C LEU A 96 29.91 12.51 17.33
N GLY A 97 29.68 13.64 16.65
CA GLY A 97 30.32 14.90 16.96
C GLY A 97 29.47 16.02 16.39
N THR A 98 29.97 17.24 16.59
CA THR A 98 29.36 18.41 15.97
C THR A 98 30.44 19.16 15.20
N ASP A 99 29.98 19.94 14.24
CA ASP A 99 30.86 20.82 13.47
C ASP A 99 29.98 21.82 12.76
N LEU A 100 30.61 22.85 12.20
CA LEU A 100 29.91 23.84 11.42
C LEU A 100 29.63 23.29 10.03
N VAL A 101 28.43 23.56 9.53
CA VAL A 101 27.96 23.03 8.25
C VAL A 101 27.34 24.15 7.43
N SER A 102 27.63 24.16 6.13
CA SER A 102 27.04 25.11 5.19
C SER A 102 26.65 24.38 3.92
N ILE A 103 25.74 25.01 3.18
CA ILE A 103 25.30 24.52 1.89
C ILE A 103 25.60 25.61 0.87
N PRO A 104 26.68 25.46 0.09
CA PRO A 104 27.06 26.52 -0.86
C PRO A 104 25.91 27.01 -1.73
N HIS A 105 25.17 26.10 -2.36
CA HIS A 105 23.99 26.50 -3.15
C HIS A 105 22.73 26.34 -2.33
N GLY A 106 22.78 26.92 -1.14
CA GLY A 106 21.68 26.93 -0.23
C GLY A 106 21.57 28.31 0.36
N PRO A 107 20.92 28.43 1.51
CA PRO A 107 20.87 29.73 2.20
C PRO A 107 22.25 30.10 2.74
N ASN A 108 22.50 31.40 2.85
CA ASN A 108 23.81 31.89 3.28
C ASN A 108 23.86 31.88 4.81
N VAL A 109 23.94 30.67 5.36
CA VAL A 109 23.98 30.47 6.80
C VAL A 109 24.98 29.36 7.11
N THR A 110 25.38 29.31 8.37
CA THR A 110 26.25 28.26 8.89
C THR A 110 25.62 27.76 10.17
N VAL A 111 25.52 26.45 10.32
CA VAL A 111 24.93 25.89 11.53
C VAL A 111 25.90 24.90 12.14
N ARG A 112 25.85 24.82 13.46
CA ARG A 112 26.53 23.75 14.17
C ARG A 112 25.57 22.58 14.23
N ALA A 113 25.94 21.47 13.61
CA ALA A 113 25.03 20.35 13.47
C ALA A 113 25.65 19.08 14.02
N ASN A 114 24.79 18.18 14.47
CA ASN A 114 25.23 16.83 14.75
C ASN A 114 25.71 16.18 13.47
N ILE A 115 26.84 15.50 13.56
CA ILE A 115 27.41 14.77 12.43
C ILE A 115 27.85 13.40 12.91
N ALA A 116 27.38 12.35 12.25
CA ALA A 116 27.91 11.02 12.49
C ALA A 116 29.10 10.83 11.55
N ALA A 117 30.29 10.67 12.12
CA ALA A 117 31.49 10.39 11.34
C ALA A 117 31.56 8.89 11.08
N ILE A 118 31.30 8.48 9.85
CA ILE A 118 31.21 7.05 9.52
C ILE A 118 32.61 6.45 9.47
N THR A 119 32.84 5.43 10.30
CA THR A 119 34.12 4.72 10.33
C THR A 119 34.06 3.31 9.76
N GLU A 120 32.90 2.66 9.76
CA GLU A 120 32.71 1.38 9.09
C GLU A 120 31.32 1.35 8.50
N SER A 121 31.16 0.56 7.43
CA SER A 121 29.90 0.53 6.70
C SER A 121 29.80 -0.80 5.98
N ASP A 122 28.56 -1.18 5.66
CA ASP A 122 28.28 -2.41 4.94
C ASP A 122 27.19 -2.11 3.94
N LYS A 123 27.52 -2.18 2.64
CA LYS A 123 26.57 -1.97 1.56
C LYS A 123 25.85 -0.64 1.68
N PHE A 124 26.55 0.37 2.20
CA PHE A 124 25.99 1.70 2.33
C PHE A 124 26.45 2.60 1.19
N PHE A 125 27.75 2.85 1.09
CA PHE A 125 28.29 3.64 0.00
C PHE A 125 28.17 2.88 -1.32
N ILE A 126 27.93 3.62 -2.40
CA ILE A 126 27.67 3.05 -3.71
C ILE A 126 28.81 3.43 -4.65
N ASN A 127 29.36 2.43 -5.34
CA ASN A 127 30.45 2.65 -6.27
C ASN A 127 30.00 3.57 -7.41
N GLY A 128 30.62 4.74 -7.51
CA GLY A 128 30.33 5.70 -8.55
C GLY A 128 29.20 6.66 -8.25
N SER A 129 28.60 6.60 -7.07
CA SER A 129 27.43 7.46 -6.80
C SER A 129 27.81 8.93 -6.72
N ASN A 130 29.06 9.24 -6.40
CA ASN A 130 29.61 10.58 -6.23
C ASN A 130 29.12 11.26 -4.96
N TRP A 131 28.46 10.55 -4.04
CA TRP A 131 28.17 11.15 -2.73
C TRP A 131 28.92 10.42 -1.62
N GLU A 132 29.26 11.19 -0.58
CA GLU A 132 30.11 10.74 0.51
C GLU A 132 29.43 10.80 1.86
N GLY A 133 28.14 11.16 1.91
CA GLY A 133 27.43 11.26 3.17
C GLY A 133 25.94 11.31 2.90
N ILE A 134 25.17 11.40 3.98
CA ILE A 134 23.72 11.36 3.87
C ILE A 134 23.13 12.41 4.79
N LEU A 135 22.11 13.11 4.28
CA LEU A 135 21.39 14.14 5.01
C LEU A 135 19.98 13.61 5.25
N GLY A 136 19.75 13.07 6.45
CA GLY A 136 18.42 12.64 6.83
C GLY A 136 17.55 13.82 7.17
N LEU A 137 16.47 14.03 6.41
CA LEU A 137 15.65 15.21 6.55
C LEU A 137 14.37 14.96 7.35
N ALA A 138 14.13 13.72 7.80
CA ALA A 138 12.91 13.43 8.55
C ALA A 138 13.09 13.85 10.01
N TYR A 139 12.19 13.39 10.87
CA TYR A 139 12.10 13.97 12.20
C TYR A 139 12.91 13.17 13.23
N ALA A 140 13.15 13.81 14.37
CA ALA A 140 14.01 13.25 15.41
C ALA A 140 13.54 11.89 15.90
N GLU A 141 12.23 11.64 15.86
CA GLU A 141 11.67 10.40 16.39
C GLU A 141 12.33 9.16 15.80
N ILE A 142 12.84 9.23 14.56
CA ILE A 142 13.51 8.07 13.96
C ILE A 142 15.02 8.27 13.88
N ALA A 143 15.55 9.26 14.57
CA ALA A 143 17.00 9.45 14.60
C ALA A 143 17.63 8.39 15.49
N ARG A 144 18.88 7.96 15.11
CA ARG A 144 19.69 7.11 15.97
C ARG A 144 20.78 7.93 16.65
N PRO A 145 21.21 7.57 17.87
CA PRO A 145 20.75 6.41 18.64
C PRO A 145 19.35 6.59 19.22
N ASP A 146 18.90 7.85 19.36
CA ASP A 146 17.56 8.11 19.85
C ASP A 146 17.16 9.54 19.46
N ASP A 147 15.95 9.93 19.83
CA ASP A 147 15.36 11.17 19.35
C ASP A 147 15.93 12.42 20.00
N SER A 148 16.89 12.27 20.91
CA SER A 148 17.57 13.44 21.45
C SER A 148 18.67 13.96 20.54
N LEU A 149 19.07 13.17 19.54
CA LEU A 149 20.05 13.64 18.55
C LEU A 149 19.31 14.50 17.54
N GLU A 150 19.42 15.81 17.70
CA GLU A 150 18.74 16.79 16.86
C GLU A 150 19.11 16.63 15.39
N PRO A 151 18.16 16.41 14.50
CA PRO A 151 18.48 16.31 13.06
C PRO A 151 18.95 17.63 12.49
N PHE A 152 19.63 17.56 11.35
CA PHE A 152 20.21 18.76 10.73
C PHE A 152 19.18 19.86 10.52
N PHE A 153 18.04 19.52 9.91
CA PHE A 153 17.10 20.59 9.55
C PHE A 153 16.52 21.26 10.78
N ASP A 154 16.32 20.50 11.86
CA ASP A 154 15.93 21.09 13.13
C ASP A 154 16.99 22.06 13.64
N SER A 155 18.27 21.69 13.54
CA SER A 155 19.34 22.60 13.94
C SER A 155 19.32 23.86 13.06
N LEU A 156 19.19 23.68 11.75
CA LEU A 156 19.13 24.80 10.82
C LEU A 156 18.03 25.78 11.22
N VAL A 157 16.84 25.27 11.47
CA VAL A 157 15.69 26.13 11.78
C VAL A 157 15.85 26.78 13.14
N LYS A 158 16.45 26.09 14.11
CA LYS A 158 16.60 26.70 15.44
C LYS A 158 17.62 27.84 15.42
N GLN A 159 18.73 27.65 14.71
CA GLN A 159 19.86 28.58 14.79
C GLN A 159 19.79 29.73 13.79
N THR A 160 18.88 29.70 12.81
CA THR A 160 18.84 30.74 11.79
C THR A 160 17.39 31.19 11.59
N HIS A 161 17.20 32.11 10.64
CA HIS A 161 15.88 32.57 10.28
C HIS A 161 15.29 31.81 9.09
N VAL A 162 15.92 30.73 8.67
CA VAL A 162 15.40 29.89 7.59
C VAL A 162 14.04 29.34 8.01
N PRO A 163 12.98 29.58 7.23
CA PRO A 163 11.67 29.02 7.58
C PRO A 163 11.68 27.50 7.60
N ASN A 164 10.73 26.95 8.39
CA ASN A 164 10.69 25.51 8.67
C ASN A 164 9.96 24.81 7.54
N LEU A 165 10.59 24.83 6.36
CA LEU A 165 10.07 24.01 5.26
C LEU A 165 11.13 23.92 4.18
N PHE A 166 11.03 22.88 3.37
CA PHE A 166 11.90 22.76 2.22
C PHE A 166 11.10 22.08 1.12
N SER A 167 11.57 22.19 -0.11
CA SER A 167 10.85 21.58 -1.22
C SER A 167 11.85 20.89 -2.14
N LEU A 168 11.39 19.80 -2.76
CA LEU A 168 12.24 18.96 -3.59
C LEU A 168 11.63 18.85 -4.97
N GLN A 169 12.41 19.19 -5.98
CA GLN A 169 12.05 18.98 -7.38
C GLN A 169 13.06 17.98 -7.92
N LEU A 170 12.71 16.70 -7.95
CA LEU A 170 13.61 15.69 -8.47
C LEU A 170 13.30 15.49 -9.94
N CYS A 171 14.30 15.70 -10.79
CA CYS A 171 14.11 15.57 -12.23
C CYS A 171 14.76 14.28 -12.72
N GLY A 172 14.07 13.56 -13.59
CA GLY A 172 14.58 12.27 -14.02
C GLY A 172 15.80 12.32 -14.93
N ALA A 173 15.95 11.31 -15.76
CA ALA A 173 17.08 11.23 -16.67
C ALA A 173 16.70 11.66 -18.08
N SER A 185 23.85 12.66 -14.92
CA SER A 185 22.73 11.82 -15.34
C SER A 185 21.37 12.38 -14.89
N VAL A 186 21.23 12.74 -13.62
CA VAL A 186 19.98 13.33 -13.13
C VAL A 186 20.29 14.64 -12.39
N GLY A 187 19.27 15.46 -12.24
CA GLY A 187 19.41 16.74 -11.56
C GLY A 187 18.14 17.09 -10.82
N GLY A 188 18.18 18.20 -10.10
CA GLY A 188 17.01 18.66 -9.39
C GLY A 188 17.33 19.85 -8.52
N SER A 189 16.34 20.24 -7.72
CA SER A 189 16.46 21.38 -6.82
C SER A 189 15.96 21.01 -5.43
N MET A 190 16.70 21.42 -4.42
CA MET A 190 16.23 21.42 -3.05
C MET A 190 16.16 22.88 -2.60
N ILE A 191 14.94 23.40 -2.48
CA ILE A 191 14.74 24.77 -2.03
C ILE A 191 14.61 24.72 -0.51
N ILE A 192 15.62 25.23 0.17
CA ILE A 192 15.67 25.21 1.63
C ILE A 192 15.06 26.50 2.13
N GLY A 193 13.95 26.37 2.86
CA GLY A 193 13.29 27.51 3.47
C GLY A 193 12.13 28.09 2.69
N GLY A 194 11.70 27.46 1.62
CA GLY A 194 10.59 28.04 0.88
C GLY A 194 10.19 27.25 -0.33
N ILE A 195 9.35 27.90 -1.12
CA ILE A 195 8.74 27.36 -2.33
C ILE A 195 9.15 28.28 -3.46
N ASP A 196 9.64 27.71 -4.55
CA ASP A 196 10.03 28.49 -5.73
C ASP A 196 8.96 28.25 -6.78
N HIS A 197 8.20 29.30 -7.09
CA HIS A 197 7.03 29.14 -7.95
C HIS A 197 7.39 28.91 -9.41
N SER A 198 8.63 29.19 -9.81
CA SER A 198 9.03 28.88 -11.17
C SER A 198 9.31 27.39 -11.36
N LEU A 199 9.25 26.58 -10.31
CA LEU A 199 9.56 25.17 -10.45
C LEU A 199 8.32 24.30 -10.66
N TYR A 200 7.13 24.86 -10.68
CA TYR A 200 5.96 24.01 -10.85
C TYR A 200 4.88 24.77 -11.60
N THR A 201 3.93 24.02 -12.14
CA THR A 201 2.75 24.59 -12.78
C THR A 201 1.49 24.14 -12.05
N GLY A 202 0.40 24.86 -12.29
CA GLY A 202 -0.86 24.51 -11.66
C GLY A 202 -0.84 24.79 -10.15
N SER A 203 -1.75 24.13 -9.44
CA SER A 203 -1.90 24.34 -8.01
C SER A 203 -1.12 23.31 -7.18
N LEU A 204 -0.67 23.75 -6.02
CA LEU A 204 -0.16 22.86 -4.99
C LEU A 204 -1.33 22.21 -4.24
N TRP A 205 -1.28 20.90 -4.08
CA TRP A 205 -2.27 20.18 -3.30
C TRP A 205 -1.58 19.59 -2.07
N TYR A 206 -2.16 19.81 -0.89
CA TYR A 206 -1.52 19.43 0.37
C TYR A 206 -2.24 18.26 1.03
N THR A 207 -1.45 17.35 1.58
CA THR A 207 -1.90 16.23 2.37
C THR A 207 -1.28 16.34 3.76
N PRO A 208 -2.04 16.05 4.83
CA PRO A 208 -1.48 16.19 6.18
C PRO A 208 -0.31 15.25 6.40
N ILE A 209 0.70 15.75 7.11
CA ILE A 209 1.69 14.84 7.69
C ILE A 209 1.03 14.16 8.87
N ARG A 210 0.85 12.84 8.80
CA ARG A 210 0.05 12.17 9.81
C ARG A 210 0.73 12.20 11.18
N ARG A 211 2.04 12.00 11.21
CA ARG A 211 2.81 11.93 12.43
C ARG A 211 4.23 12.35 12.08
N GLU A 212 4.86 13.13 12.94
CA GLU A 212 6.21 13.64 12.64
C GLU A 212 7.23 12.60 13.07
N TRP A 213 7.46 11.63 12.18
CA TRP A 213 8.58 10.72 12.38
C TRP A 213 9.20 10.49 11.01
N TYR A 214 8.72 9.51 10.25
CA TYR A 214 8.83 9.63 8.79
C TYR A 214 7.94 10.78 8.33
N TYR A 215 8.04 11.15 7.05
CA TYR A 215 7.01 12.00 6.44
C TYR A 215 5.83 11.09 6.09
N GLU A 216 5.01 10.80 7.10
CA GLU A 216 3.92 9.85 6.95
C GLU A 216 2.65 10.54 6.43
N VAL A 217 2.02 9.93 5.42
CA VAL A 217 0.81 10.42 4.79
C VAL A 217 -0.22 9.30 4.78
N ILE A 218 -1.43 9.62 4.32
CA ILE A 218 -2.50 8.63 4.23
C ILE A 218 -2.97 8.57 2.78
N ILE A 219 -2.84 7.39 2.17
CA ILE A 219 -3.40 7.12 0.84
C ILE A 219 -4.83 6.65 1.04
N VAL A 220 -5.79 7.26 0.33
CA VAL A 220 -7.19 6.94 0.57
C VAL A 220 -7.84 6.21 -0.57
N ARG A 221 -7.18 6.11 -1.73
CA ARG A 221 -7.75 5.42 -2.87
C ARG A 221 -6.61 5.16 -3.87
N VAL A 222 -6.68 4.04 -4.59
CA VAL A 222 -5.74 3.74 -5.64
C VAL A 222 -6.51 3.30 -6.88
N GLU A 223 -6.19 3.90 -8.02
CA GLU A 223 -6.77 3.54 -9.31
C GLU A 223 -5.66 3.19 -10.28
N ILE A 224 -5.95 2.26 -11.18
CA ILE A 224 -5.02 1.91 -12.27
C ILE A 224 -5.78 2.03 -13.58
N ASN A 225 -5.30 2.91 -14.47
CA ASN A 225 -6.02 3.26 -15.70
C ASN A 225 -7.47 3.61 -15.39
N GLY A 226 -7.69 4.30 -14.26
CA GLY A 226 -9.01 4.74 -13.89
C GLY A 226 -9.89 3.71 -13.21
N GLN A 227 -9.39 2.51 -12.96
CA GLN A 227 -10.16 1.47 -12.31
C GLN A 227 -9.71 1.39 -10.86
N ASP A 228 -10.65 1.53 -9.95
CA ASP A 228 -10.35 1.48 -8.52
C ASP A 228 -9.86 0.09 -8.14
N LEU A 229 -8.75 0.01 -7.40
CA LEU A 229 -8.33 -1.31 -6.93
C LEU A 229 -9.34 -1.89 -5.94
N LYS A 230 -10.20 -1.05 -5.35
CA LYS A 230 -11.31 -1.50 -4.51
C LYS A 230 -10.85 -2.39 -3.36
N MET A 231 -9.77 -2.00 -2.71
CA MET A 231 -9.32 -2.64 -1.47
C MET A 231 -9.75 -1.77 -0.30
N ASP A 232 -9.85 -2.39 0.87
CA ASP A 232 -9.92 -1.63 2.11
C ASP A 232 -8.76 -0.63 2.14
N CYS A 233 -9.08 0.65 2.27
CA CYS A 233 -8.02 1.66 2.15
C CYS A 233 -6.97 1.51 3.25
N LYS A 234 -7.26 0.79 4.34
CA LYS A 234 -6.23 0.48 5.32
C LYS A 234 -5.08 -0.30 4.68
N GLU A 235 -5.39 -1.14 3.69
CA GLU A 235 -4.34 -1.92 3.04
C GLU A 235 -3.29 -1.04 2.39
N TYR A 236 -3.69 0.14 1.90
CA TYR A 236 -2.75 1.06 1.27
C TYR A 236 -1.77 1.63 2.26
N ASN A 237 -2.12 1.66 3.55
CA ASN A 237 -1.28 2.31 4.54
C ASN A 237 -0.86 1.32 5.63
N TYR A 238 -0.77 0.04 5.27
CA TYR A 238 -0.40 -1.01 6.23
C TYR A 238 1.07 -1.33 6.04
N ASP A 239 1.91 -0.96 7.02
CA ASP A 239 1.52 -0.31 8.29
C ASP A 239 1.76 1.20 8.35
N LYS A 240 2.25 1.76 7.26
CA LYS A 240 2.39 3.20 7.12
C LYS A 240 2.56 3.51 5.65
N SER A 241 2.41 4.78 5.29
CA SER A 241 2.76 5.30 3.97
C SER A 241 3.65 6.51 4.15
N ILE A 242 4.77 6.56 3.42
CA ILE A 242 5.74 7.64 3.61
C ILE A 242 6.24 8.14 2.26
N VAL A 243 6.77 9.36 2.29
CA VAL A 243 7.47 9.97 1.15
C VAL A 243 8.97 9.89 1.43
N ASP A 244 9.73 9.21 0.57
CA ASP A 244 11.13 8.88 0.84
C ASP A 244 11.99 9.14 -0.41
N SER A 245 12.60 10.32 -0.50
CA SER A 245 13.52 10.59 -1.59
C SER A 245 14.76 9.69 -1.57
N GLY A 246 15.03 9.01 -0.46
CA GLY A 246 16.19 8.12 -0.38
C GLY A 246 15.96 6.71 -0.86
N THR A 247 14.75 6.38 -1.26
CA THR A 247 14.41 5.07 -1.81
C THR A 247 13.96 5.28 -3.25
N THR A 248 14.44 4.44 -4.16
CA THR A 248 14.16 4.67 -5.57
C THR A 248 12.70 4.35 -5.90
N ASN A 249 12.24 3.16 -5.53
CA ASN A 249 11.01 2.60 -6.06
C ASN A 249 9.76 3.11 -5.35
N LEU A 250 8.63 2.96 -6.05
CA LEU A 250 7.34 2.83 -5.37
C LEU A 250 7.31 1.45 -4.73
N ARG A 251 7.17 1.40 -3.41
CA ARG A 251 7.12 0.12 -2.71
C ARG A 251 5.74 0.00 -2.08
N LEU A 252 5.11 -1.15 -2.28
CA LEU A 252 3.72 -1.35 -1.91
C LEU A 252 3.56 -2.55 -0.99
N PRO A 253 2.68 -2.47 0.01
CA PRO A 253 2.40 -3.63 0.84
C PRO A 253 1.98 -4.82 -0.02
N LYS A 254 2.31 -6.02 0.48
CA LYS A 254 2.12 -7.28 -0.23
C LYS A 254 0.79 -7.35 -0.97
N LYS A 255 -0.32 -7.17 -0.23
CA LYS A 255 -1.62 -7.31 -0.88
C LYS A 255 -1.82 -6.26 -1.96
N VAL A 256 -1.39 -5.03 -1.71
CA VAL A 256 -1.54 -3.96 -2.70
C VAL A 256 -0.61 -4.24 -3.88
N PHE A 257 0.62 -4.65 -3.59
CA PHE A 257 1.57 -4.97 -4.66
C PHE A 257 1.00 -6.03 -5.60
N GLU A 258 0.44 -7.11 -5.04
CA GLU A 258 -0.08 -8.18 -5.88
C GLU A 258 -1.26 -7.68 -6.72
N ALA A 259 -2.17 -6.92 -6.11
CA ALA A 259 -3.29 -6.37 -6.88
C ALA A 259 -2.79 -5.47 -8.01
N ALA A 260 -1.76 -4.64 -7.73
CA ALA A 260 -1.29 -3.70 -8.75
C ALA A 260 -0.58 -4.42 -9.88
N VAL A 261 0.28 -5.39 -9.54
CA VAL A 261 0.99 -6.15 -10.57
C VAL A 261 0.00 -6.91 -11.44
N LYS A 262 -1.00 -7.53 -10.83
CA LYS A 262 -2.02 -8.25 -11.60
C LYS A 262 -2.70 -7.31 -12.59
N SER A 263 -2.99 -6.09 -12.16
CA SER A 263 -3.68 -5.15 -13.05
C SER A 263 -2.73 -4.64 -14.13
N ILE A 264 -1.45 -4.42 -13.77
CA ILE A 264 -0.47 -3.95 -14.76
C ILE A 264 -0.13 -5.07 -15.75
N LYS A 265 -0.06 -6.31 -15.27
CA LYS A 265 0.13 -7.44 -16.17
C LYS A 265 -1.02 -7.53 -17.18
N ALA A 266 -2.26 -7.46 -16.69
CA ALA A 266 -3.40 -7.56 -17.59
C ALA A 266 -3.36 -6.49 -18.66
N ALA A 267 -2.99 -5.25 -18.29
CA ALA A 267 -3.00 -4.16 -19.26
C ALA A 267 -1.90 -4.34 -20.30
N SER A 268 -0.78 -4.99 -19.95
CA SER A 268 0.32 -5.16 -20.89
C SER A 268 0.39 -6.58 -21.44
N SER A 269 -0.69 -7.37 -21.31
CA SER A 269 -0.63 -8.79 -21.67
C SER A 269 -0.34 -9.03 -23.14
N THR A 270 -0.58 -8.06 -24.02
CA THR A 270 -0.22 -8.27 -25.43
C THR A 270 1.26 -8.54 -25.60
N GLU A 271 2.10 -8.12 -24.65
CA GLU A 271 3.51 -8.46 -24.67
C GLU A 271 3.82 -9.41 -23.52
N LYS A 272 4.87 -10.19 -23.69
CA LYS A 272 5.25 -11.16 -22.69
C LYS A 272 6.58 -10.74 -22.08
N PHE A 273 6.71 -10.96 -20.78
CA PHE A 273 7.85 -10.59 -19.99
C PHE A 273 8.31 -11.81 -19.21
N PRO A 274 9.59 -11.88 -18.85
CA PRO A 274 10.00 -12.82 -17.80
C PRO A 274 9.33 -12.42 -16.48
N ASP A 275 8.97 -13.41 -15.67
CA ASP A 275 8.35 -13.05 -14.39
C ASP A 275 9.37 -12.50 -13.40
N GLY A 276 10.66 -12.77 -13.60
CA GLY A 276 11.66 -12.07 -12.82
C GLY A 276 11.72 -10.58 -13.11
N PHE A 277 11.11 -10.15 -14.22
CA PHE A 277 10.95 -8.72 -14.46
C PHE A 277 10.01 -8.10 -13.43
N TRP A 278 8.89 -8.76 -13.15
CA TRP A 278 7.93 -8.24 -12.18
C TRP A 278 8.47 -8.27 -10.75
N LEU A 279 9.52 -9.05 -10.48
CA LEU A 279 10.19 -9.02 -9.19
C LEU A 279 11.30 -7.98 -9.14
N GLY A 280 11.57 -7.28 -10.25
CA GLY A 280 12.57 -6.24 -10.27
C GLY A 280 13.97 -6.70 -10.62
N GLU A 281 14.14 -7.98 -10.98
CA GLU A 281 15.47 -8.53 -11.28
C GLU A 281 15.80 -8.36 -12.76
N GLN A 282 15.05 -9.04 -13.64
CA GLN A 282 15.31 -9.00 -15.06
C GLN A 282 14.79 -7.71 -15.67
N LEU A 283 15.60 -7.10 -16.52
CA LEU A 283 15.20 -5.94 -17.29
C LEU A 283 14.62 -6.40 -18.63
N VAL A 284 13.64 -5.64 -19.14
CA VAL A 284 13.03 -5.92 -20.43
C VAL A 284 13.53 -4.88 -21.43
N CYS A 285 13.67 -5.29 -22.70
CA CYS A 285 14.19 -4.39 -23.72
C CYS A 285 13.30 -4.38 -24.96
N TRP A 286 13.32 -3.25 -25.66
CA TRP A 286 12.67 -3.08 -26.95
C TRP A 286 13.63 -2.34 -27.87
N GLN A 287 13.40 -2.47 -29.18
CA GLN A 287 14.20 -1.73 -30.16
C GLN A 287 14.10 -0.23 -29.90
N ALA A 288 15.26 0.43 -29.85
CA ALA A 288 15.37 1.83 -29.44
C ALA A 288 14.31 2.73 -30.06
N GLY A 289 13.38 3.22 -29.24
CA GLY A 289 12.33 4.09 -29.70
C GLY A 289 11.00 3.41 -29.90
N THR A 290 10.94 2.08 -29.76
CA THR A 290 9.70 1.34 -29.92
C THR A 290 9.09 0.87 -28.61
N THR A 291 9.55 1.39 -27.47
CA THR A 291 8.96 1.03 -26.19
C THR A 291 7.45 1.26 -26.24
N PRO A 292 6.63 0.25 -25.97
CA PRO A 292 5.17 0.38 -26.04
C PRO A 292 4.58 1.00 -24.77
N TRP A 293 4.88 2.28 -24.56
CA TRP A 293 4.39 2.98 -23.36
C TRP A 293 2.89 2.86 -23.20
N ASN A 294 2.15 2.83 -24.31
CA ASN A 294 0.68 2.86 -24.26
C ASN A 294 0.07 1.64 -23.58
N ILE A 295 0.77 0.51 -23.52
CA ILE A 295 0.19 -0.67 -22.88
C ILE A 295 0.46 -0.71 -21.38
N PHE A 296 1.25 0.22 -20.85
CA PHE A 296 1.39 0.25 -19.41
C PHE A 296 0.47 1.31 -18.80
N PRO A 297 -0.27 0.95 -17.76
CA PRO A 297 -1.30 1.86 -17.23
C PRO A 297 -0.72 2.99 -16.39
N VAL A 298 -1.53 4.01 -16.22
CA VAL A 298 -1.24 5.05 -15.25
C VAL A 298 -1.77 4.61 -13.89
N ILE A 299 -1.07 5.01 -12.84
CA ILE A 299 -1.47 4.75 -11.46
C ILE A 299 -1.82 6.07 -10.81
N SER A 300 -2.99 6.14 -10.20
CA SER A 300 -3.41 7.33 -9.47
C SER A 300 -3.45 7.01 -7.98
N LEU A 301 -2.68 7.77 -7.19
CA LEU A 301 -2.72 7.71 -5.74
C LEU A 301 -3.51 8.89 -5.21
N TYR A 302 -4.59 8.61 -4.49
CA TYR A 302 -5.37 9.66 -3.84
C TYR A 302 -4.88 9.83 -2.42
N LEU A 303 -4.56 11.07 -2.06
CA LEU A 303 -4.07 11.42 -0.74
C LEU A 303 -5.12 12.21 0.03
N MET A 304 -5.16 11.99 1.34
CA MET A 304 -6.02 12.76 2.21
C MET A 304 -5.73 14.24 2.02
N GLY A 305 -6.79 15.03 1.90
CA GLY A 305 -6.69 16.47 1.70
C GLY A 305 -6.67 17.24 3.00
N GLU A 306 -6.76 18.57 2.86
CA GLU A 306 -6.77 19.51 3.97
C GLU A 306 -8.15 19.77 4.58
N VAL A 307 -9.25 19.53 3.86
CA VAL A 307 -10.57 19.79 4.41
C VAL A 307 -11.38 18.49 4.52
N THR A 308 -12.48 18.56 5.26
CA THR A 308 -13.25 17.36 5.59
C THR A 308 -13.70 16.67 4.31
N ASN A 309 -13.56 15.37 4.26
CA ASN A 309 -14.05 14.54 3.16
C ASN A 309 -13.44 14.94 1.81
N GLN A 310 -12.28 15.58 1.81
CA GLN A 310 -11.63 16.01 0.57
C GLN A 310 -10.27 15.35 0.43
N SER A 311 -10.00 14.87 -0.77
CA SER A 311 -8.72 14.31 -1.16
C SER A 311 -8.30 14.94 -2.49
N PHE A 312 -7.12 14.54 -2.96
CA PHE A 312 -6.66 14.88 -4.30
C PHE A 312 -5.89 13.68 -4.81
N ARG A 313 -5.60 13.67 -6.11
CA ARG A 313 -4.86 12.55 -6.65
C ARG A 313 -3.60 13.01 -7.37
N ILE A 314 -2.60 12.17 -7.31
CA ILE A 314 -1.44 12.31 -8.18
C ILE A 314 -1.44 11.12 -9.12
N THR A 315 -1.12 11.38 -10.38
CA THR A 315 -1.16 10.33 -11.37
C THR A 315 0.26 10.07 -11.85
N ILE A 316 0.65 8.80 -11.79
CA ILE A 316 1.99 8.32 -12.12
C ILE A 316 1.94 7.66 -13.49
N LEU A 317 2.86 8.05 -14.40
CA LEU A 317 3.00 7.48 -15.73
C LEU A 317 3.93 6.27 -15.72
N PRO A 318 3.80 5.36 -16.68
CA PRO A 318 4.74 4.22 -16.75
C PRO A 318 6.18 4.64 -16.89
N GLN A 319 6.45 5.80 -17.50
CA GLN A 319 7.83 6.25 -17.55
C GLN A 319 8.41 6.50 -16.16
N GLN A 320 7.58 6.57 -15.13
CA GLN A 320 8.11 6.70 -13.78
C GLN A 320 8.39 5.35 -13.17
N TYR A 321 7.52 4.36 -13.38
CA TYR A 321 7.75 3.07 -12.75
C TYR A 321 8.45 2.05 -13.64
N LEU A 322 8.80 2.44 -14.87
CA LEU A 322 9.70 1.66 -15.71
C LEU A 322 10.99 2.46 -15.80
N ARG A 323 11.94 2.11 -14.97
CA ARG A 323 13.14 2.94 -14.85
C ARG A 323 14.16 2.50 -15.88
N PRO A 324 14.71 3.42 -16.66
CA PRO A 324 15.66 3.04 -17.71
C PRO A 324 16.99 2.62 -17.11
N VAL A 325 17.53 1.51 -17.60
CA VAL A 325 18.82 0.99 -17.17
C VAL A 325 19.67 0.73 -18.40
N GLU A 326 20.97 1.02 -18.27
CA GLU A 326 21.92 0.78 -19.36
C GLU A 326 21.95 -0.71 -19.73
N ASP A 327 21.82 -0.99 -21.02
CA ASP A 327 21.83 -2.37 -21.48
C ASP A 327 23.23 -2.95 -21.37
N VAL A 328 23.34 -4.08 -20.67
CA VAL A 328 24.64 -4.73 -20.52
C VAL A 328 25.13 -5.28 -21.84
N ALA A 329 24.23 -5.65 -22.74
CA ALA A 329 24.58 -6.18 -24.04
C ALA A 329 25.11 -5.08 -24.95
N THR A 330 25.78 -5.50 -26.03
CA THR A 330 26.30 -4.55 -27.01
C THR A 330 25.21 -3.80 -27.75
N SER A 331 23.98 -4.32 -27.76
CA SER A 331 22.86 -3.62 -28.39
C SER A 331 22.51 -2.36 -27.60
N GLN A 332 22.31 -1.26 -28.32
CA GLN A 332 21.84 -0.02 -27.69
C GLN A 332 20.35 0.10 -27.94
N ASP A 333 19.62 -0.73 -27.19
CA ASP A 333 18.17 -0.72 -27.14
C ASP A 333 17.70 0.09 -25.95
N ASP A 334 16.39 0.12 -25.77
CA ASP A 334 15.80 0.69 -24.56
C ASP A 334 15.47 -0.46 -23.63
N CYS A 335 16.10 -0.47 -22.46
CA CYS A 335 15.89 -1.50 -21.45
C CYS A 335 15.43 -0.84 -20.16
N TYR A 336 14.58 -1.55 -19.42
CA TYR A 336 13.92 -0.96 -18.26
C TYR A 336 13.84 -1.98 -17.14
N LYS A 337 13.90 -1.49 -15.91
CA LYS A 337 13.58 -2.25 -14.73
C LYS A 337 12.20 -1.83 -14.20
N PHE A 338 11.42 -2.82 -13.78
CA PHE A 338 10.17 -2.55 -13.08
C PHE A 338 10.48 -1.96 -11.71
N ALA A 339 10.07 -0.70 -11.48
CA ALA A 339 10.43 0.05 -10.29
C ALA A 339 9.30 0.13 -9.26
N ILE A 340 8.45 -0.90 -9.22
CA ILE A 340 7.49 -1.10 -8.15
C ILE A 340 7.87 -2.39 -7.44
N SER A 341 8.07 -2.31 -6.12
CA SER A 341 8.56 -3.42 -5.33
C SER A 341 7.56 -3.78 -4.24
N GLN A 342 7.59 -5.03 -3.83
CA GLN A 342 6.80 -5.47 -2.70
C GLN A 342 7.46 -5.01 -1.41
N SER A 343 6.65 -4.59 -0.45
CA SER A 343 7.14 -4.12 0.83
C SER A 343 6.45 -4.88 1.95
N SER A 344 7.15 -4.98 3.09
CA SER A 344 6.56 -5.52 4.30
C SER A 344 6.52 -4.46 5.40
N THR A 345 6.86 -3.22 5.06
CA THR A 345 6.94 -2.11 6.00
C THR A 345 6.10 -0.92 5.52
N GLY A 346 5.08 -1.18 4.72
CA GLY A 346 4.17 -0.13 4.29
C GLY A 346 4.49 0.37 2.90
N THR A 347 3.75 1.41 2.50
CA THR A 347 3.94 2.06 1.22
C THR A 347 5.11 3.04 1.28
N VAL A 348 5.97 3.01 0.27
CA VAL A 348 7.03 3.99 0.14
C VAL A 348 6.83 4.69 -1.19
N MET A 349 6.50 5.98 -1.13
CA MET A 349 6.52 6.83 -2.32
C MET A 349 7.97 7.28 -2.52
N GLY A 350 8.71 6.55 -3.34
CA GLY A 350 10.12 6.79 -3.52
C GLY A 350 10.40 7.83 -4.58
N ALA A 351 11.68 7.95 -4.91
CA ALA A 351 12.12 9.01 -5.82
C ALA A 351 11.44 8.93 -7.17
N VAL A 352 11.12 7.72 -7.65
CA VAL A 352 10.50 7.64 -8.98
C VAL A 352 9.09 8.19 -8.94
N ILE A 353 8.44 8.15 -7.77
CA ILE A 353 7.13 8.79 -7.63
C ILE A 353 7.30 10.30 -7.56
N MET A 354 8.29 10.76 -6.79
CA MET A 354 8.51 12.20 -6.62
C MET A 354 8.95 12.87 -7.91
N GLU A 355 9.65 12.16 -8.78
CA GLU A 355 10.15 12.76 -10.01
C GLU A 355 9.01 13.27 -10.89
N GLY A 356 9.19 14.46 -11.45
CA GLY A 356 8.08 15.06 -12.15
C GLY A 356 7.01 15.71 -11.28
N PHE A 357 7.13 15.64 -9.96
CA PHE A 357 6.32 16.47 -9.09
C PHE A 357 7.23 17.41 -8.32
N TYR A 358 6.68 18.55 -7.94
CA TYR A 358 7.32 19.45 -7.03
C TYR A 358 6.73 19.14 -5.66
N VAL A 359 7.55 18.72 -4.71
CA VAL A 359 7.06 18.20 -3.44
C VAL A 359 7.52 19.15 -2.33
N VAL A 360 6.57 19.73 -1.63
CA VAL A 360 6.83 20.71 -0.59
C VAL A 360 6.64 20.02 0.76
N PHE A 361 7.73 19.94 1.53
CA PHE A 361 7.71 19.39 2.88
C PHE A 361 7.49 20.55 3.83
N ASP A 362 6.23 20.88 4.06
CA ASP A 362 5.86 22.06 4.83
C ASP A 362 5.73 21.66 6.31
N ARG A 363 6.89 21.51 6.95
CA ARG A 363 6.95 21.09 8.34
C ARG A 363 6.23 22.06 9.26
N ALA A 364 6.31 23.36 8.96
CA ALA A 364 5.67 24.35 9.84
C ALA A 364 4.17 24.13 9.91
N ARG A 365 3.56 23.69 8.81
CA ARG A 365 2.11 23.50 8.81
C ARG A 365 1.74 22.02 8.74
N LYS A 366 2.72 21.14 9.00
CA LYS A 366 2.51 19.70 9.08
C LYS A 366 1.77 19.19 7.86
N ARG A 367 2.31 19.53 6.68
CA ARG A 367 1.67 19.12 5.45
C ARG A 367 2.74 18.95 4.38
N ILE A 368 2.39 18.13 3.38
CA ILE A 368 3.21 17.89 2.22
C ILE A 368 2.40 18.29 0.99
N GLY A 369 2.98 19.16 0.15
CA GLY A 369 2.32 19.64 -1.05
C GLY A 369 2.86 18.97 -2.30
N PHE A 370 1.97 18.75 -3.27
CA PHE A 370 2.34 18.17 -4.56
C PHE A 370 1.86 19.10 -5.66
N ALA A 371 2.73 19.31 -6.64
CA ALA A 371 2.34 20.02 -7.86
C ALA A 371 3.08 19.39 -9.03
N VAL A 372 2.51 19.56 -10.22
CA VAL A 372 3.22 19.14 -11.43
C VAL A 372 4.50 19.95 -11.55
N SER A 373 5.62 19.25 -11.71
CA SER A 373 6.92 19.89 -11.81
C SER A 373 7.13 20.56 -13.16
N ALA A 374 7.94 21.61 -13.16
CA ALA A 374 8.41 22.17 -14.43
C ALA A 374 9.17 21.12 -15.25
N CYS A 375 9.90 20.21 -14.59
CA CYS A 375 10.61 19.13 -15.29
C CYS A 375 9.77 17.86 -15.28
N HIS A 376 8.62 17.92 -15.94
CA HIS A 376 7.70 16.80 -15.85
C HIS A 376 8.03 15.73 -16.89
N VAL A 377 7.54 14.52 -16.63
CA VAL A 377 7.76 13.36 -17.48
C VAL A 377 6.85 13.44 -18.70
N HIS A 378 7.40 13.13 -19.87
CA HIS A 378 6.67 13.30 -21.13
C HIS A 378 6.23 11.96 -21.71
N ASP A 379 4.93 11.72 -21.70
CA ASP A 379 4.31 10.67 -22.50
C ASP A 379 3.70 11.35 -23.72
N GLU A 380 3.28 10.55 -24.71
CA GLU A 380 2.79 11.17 -25.93
C GLU A 380 1.37 11.66 -25.80
N PHE A 381 0.51 10.85 -25.19
CA PHE A 381 -0.91 11.13 -25.07
C PHE A 381 -1.36 11.31 -23.62
N ARG A 382 -0.47 11.11 -22.65
CA ARG A 382 -0.84 11.16 -21.24
C ARG A 382 0.11 12.09 -20.49
N THR A 383 -0.37 12.61 -19.36
CA THR A 383 0.44 13.52 -18.58
C THR A 383 0.26 13.24 -17.10
N ALA A 384 1.38 13.23 -16.38
CA ALA A 384 1.36 13.23 -14.93
C ALA A 384 0.55 14.43 -14.44
N ALA A 385 -0.18 14.24 -13.35
CA ALA A 385 -1.10 15.28 -12.93
C ALA A 385 -1.24 15.23 -11.42
N VAL A 386 -1.58 16.39 -10.86
CA VAL A 386 -2.06 16.53 -9.49
C VAL A 386 -3.41 17.22 -9.59
N GLU A 387 -4.46 16.54 -9.19
CA GLU A 387 -5.81 17.01 -9.49
C GLU A 387 -6.68 16.95 -8.25
N GLY A 388 -7.54 17.94 -8.11
CA GLY A 388 -8.49 17.98 -7.03
C GLY A 388 -9.49 19.07 -7.29
N PRO A 389 -10.46 19.23 -6.37
CA PRO A 389 -10.62 18.37 -5.19
C PRO A 389 -11.43 17.13 -5.52
N PHE A 390 -11.27 16.07 -4.73
CA PHE A 390 -12.14 14.91 -4.77
C PHE A 390 -12.81 14.78 -3.41
N VAL A 391 -13.96 14.14 -3.41
CA VAL A 391 -14.66 13.84 -2.17
C VAL A 391 -14.41 12.38 -1.85
N THR A 392 -14.02 12.13 -0.61
CA THR A 392 -13.74 10.76 -0.14
C THR A 392 -14.28 10.70 1.27
N LEU A 393 -15.24 9.82 1.51
CA LEU A 393 -15.79 9.69 2.85
C LEU A 393 -14.90 8.82 3.73
N ASP A 394 -15.00 9.05 5.04
CA ASP A 394 -14.36 8.20 6.04
C ASP A 394 -12.84 8.08 5.84
N MET A 395 -12.18 9.16 5.44
CA MET A 395 -10.75 9.09 5.18
C MET A 395 -9.96 8.70 6.44
N GLU A 396 -10.49 9.03 7.62
CA GLU A 396 -9.82 8.71 8.88
C GLU A 396 -9.64 7.20 9.03
N ASP A 397 -10.57 6.41 8.48
CA ASP A 397 -10.49 4.95 8.55
C ASP A 397 -9.35 4.37 7.74
N CYS A 398 -8.67 5.17 6.91
CA CYS A 398 -7.66 4.59 6.05
C CYS A 398 -6.31 4.46 6.75
N GLY A 399 -6.11 5.19 7.84
CA GLY A 399 -4.88 5.07 8.60
C GLY A 399 -4.85 3.78 9.39
N TYR A 400 -3.69 3.14 9.40
CA TYR A 400 -3.51 1.93 10.17
C TYR A 400 -3.09 2.25 11.60
N ASN A 401 -3.61 1.49 12.54
CA ASN A 401 -3.29 1.61 13.97
C ASN A 401 -2.82 0.28 14.56
N SER B 14 35.02 -5.23 11.08
CA SER B 14 34.04 -5.82 10.18
C SER B 14 32.79 -6.24 10.95
N PHE B 15 32.67 -5.74 12.17
CA PHE B 15 31.52 -6.10 13.00
C PHE B 15 30.24 -5.41 12.56
N VAL B 16 30.35 -4.31 11.81
CA VAL B 16 29.17 -3.57 11.38
C VAL B 16 28.20 -4.48 10.63
N GLU B 17 28.71 -5.52 9.97
CA GLU B 17 27.84 -6.46 9.25
C GLU B 17 26.90 -7.24 10.16
N MET B 18 27.23 -7.31 11.45
CA MET B 18 26.45 -8.07 12.42
C MET B 18 25.57 -7.19 13.28
N VAL B 19 25.70 -5.87 13.15
CA VAL B 19 24.84 -4.98 13.89
C VAL B 19 23.40 -5.17 13.41
N ASP B 20 22.46 -5.18 14.35
CA ASP B 20 21.03 -5.26 14.06
C ASP B 20 20.64 -6.59 13.42
N ASN B 21 21.33 -7.68 13.77
CA ASN B 21 21.03 -8.98 13.19
C ASN B 21 20.06 -9.81 14.05
N LEU B 22 19.52 -9.25 15.12
CA LEU B 22 18.56 -9.95 15.97
C LEU B 22 17.17 -9.35 15.83
N ARG B 23 16.17 -10.22 15.86
CA ARG B 23 14.77 -9.83 15.86
C ARG B 23 14.05 -10.65 16.92
N GLY B 24 12.85 -10.21 17.25
CA GLY B 24 12.00 -10.98 18.16
C GLY B 24 10.66 -10.31 18.36
N LYS B 25 9.74 -11.08 18.90
CA LYS B 25 8.52 -10.53 19.48
C LYS B 25 8.72 -10.41 20.98
N SER B 26 8.13 -9.37 21.57
CA SER B 26 8.30 -9.11 22.99
C SER B 26 7.91 -10.34 23.81
N GLY B 27 8.84 -10.75 24.68
CA GLY B 27 8.65 -11.88 25.54
C GLY B 27 8.77 -13.23 24.87
N GLN B 28 9.05 -13.31 23.57
CA GLN B 28 9.07 -14.57 22.85
C GLN B 28 10.47 -14.95 22.36
N GLY B 29 11.48 -14.20 22.76
CA GLY B 29 12.87 -14.54 22.52
C GLY B 29 13.49 -13.80 21.34
N TYR B 30 14.80 -13.58 21.41
CA TYR B 30 15.56 -13.00 20.32
C TYR B 30 16.11 -14.09 19.42
N TYR B 31 16.01 -13.88 18.11
CA TYR B 31 16.49 -14.89 17.17
C TYR B 31 17.38 -14.27 16.10
N VAL B 32 18.25 -15.12 15.56
CA VAL B 32 19.17 -14.74 14.51
C VAL B 32 18.87 -15.67 13.34
N GLU B 33 19.06 -15.15 12.13
CA GLU B 33 18.86 -15.95 10.94
C GLU B 33 20.07 -16.83 10.68
N MET B 34 19.82 -18.10 10.36
CA MET B 34 20.87 -19.06 10.06
C MET B 34 20.46 -19.89 8.85
N THR B 35 21.45 -20.54 8.22
CA THR B 35 21.17 -21.55 7.21
C THR B 35 21.81 -22.87 7.62
N VAL B 36 21.11 -23.96 7.33
CA VAL B 36 21.64 -25.30 7.56
C VAL B 36 21.46 -26.11 6.28
N GLY B 37 22.45 -26.93 5.96
CA GLY B 37 22.33 -27.89 4.87
C GLY B 37 22.78 -27.33 3.54
N SER B 38 22.88 -28.23 2.57
CA SER B 38 23.25 -27.88 1.18
C SER B 38 22.18 -28.46 0.27
N PRO B 39 21.42 -27.63 -0.47
CA PRO B 39 21.47 -26.16 -0.50
C PRO B 39 20.95 -25.55 0.79
N PRO B 40 21.34 -24.30 1.09
CA PRO B 40 21.05 -23.70 2.39
C PRO B 40 19.55 -23.62 2.67
N GLN B 41 19.14 -24.13 3.83
CA GLN B 41 17.78 -23.94 4.34
C GLN B 41 17.79 -22.89 5.43
N THR B 42 16.97 -21.85 5.25
CA THR B 42 16.95 -20.71 6.14
C THR B 42 16.02 -20.92 7.31
N LEU B 43 16.50 -20.60 8.51
CA LEU B 43 15.71 -20.72 9.73
C LEU B 43 16.06 -19.58 10.67
N ASN B 44 15.08 -19.15 11.44
CA ASN B 44 15.32 -18.23 12.54
C ASN B 44 15.58 -19.05 13.80
N ILE B 45 16.65 -18.72 14.52
CA ILE B 45 17.17 -19.55 15.60
C ILE B 45 17.27 -18.69 16.87
N LEU B 46 16.59 -19.13 17.92
CA LEU B 46 16.64 -18.43 19.20
C LEU B 46 18.07 -18.38 19.74
N VAL B 47 18.49 -17.20 20.17
CA VAL B 47 19.80 -16.99 20.76
C VAL B 47 19.67 -17.23 22.27
N ASP B 48 20.28 -18.30 22.76
CA ASP B 48 20.08 -18.77 24.14
C ASP B 48 21.42 -19.01 24.84
N THR B 49 21.86 -18.06 25.67
CA THR B 49 23.06 -18.30 26.47
C THR B 49 22.79 -19.20 27.68
N GLY B 50 21.56 -19.65 27.88
CA GLY B 50 21.23 -20.51 28.99
C GLY B 50 21.18 -21.99 28.68
N SER B 51 21.66 -22.42 27.52
CA SER B 51 21.71 -23.84 27.20
C SER B 51 22.82 -24.01 26.18
N SER B 52 23.07 -25.26 25.77
CA SER B 52 24.24 -25.58 24.96
C SER B 52 23.96 -26.49 23.77
N ASN B 53 22.69 -26.72 23.44
CA ASN B 53 22.33 -27.53 22.28
C ASN B 53 21.85 -26.67 21.12
N PHE B 54 22.35 -26.96 19.92
CA PHE B 54 21.81 -26.43 18.67
C PHE B 54 20.75 -27.41 18.18
N ALA B 55 19.51 -26.94 18.09
CA ALA B 55 18.41 -27.82 17.69
C ALA B 55 17.42 -27.05 16.85
N VAL B 56 16.80 -27.74 15.89
CA VAL B 56 15.85 -27.12 14.98
C VAL B 56 14.65 -28.02 14.81
N GLY B 57 13.48 -27.42 14.68
CA GLY B 57 12.33 -28.17 14.24
C GLY B 57 12.66 -28.91 12.97
N ALA B 58 12.35 -30.20 12.91
CA ALA B 58 12.65 -31.01 11.72
C ALA B 58 11.44 -31.84 11.31
N ALA B 59 10.26 -31.50 11.83
CA ALA B 59 9.02 -32.18 11.54
C ALA B 59 7.92 -31.14 11.61
N PRO B 60 6.80 -31.35 10.92
CA PRO B 60 5.70 -30.37 10.98
C PRO B 60 5.22 -30.16 12.40
N HIS B 61 4.77 -28.93 12.66
CA HIS B 61 4.30 -28.56 13.97
C HIS B 61 3.32 -27.41 13.74
N PRO B 62 2.25 -27.33 14.52
CA PRO B 62 1.28 -26.23 14.34
C PRO B 62 1.88 -24.84 14.43
N PHE B 63 2.95 -24.68 15.21
CA PHE B 63 3.54 -23.36 15.41
C PHE B 63 4.76 -23.13 14.53
N LEU B 64 5.13 -24.09 13.69
CA LEU B 64 6.25 -23.94 12.75
C LEU B 64 5.70 -23.64 11.37
N HIS B 65 6.21 -22.57 10.75
CA HIS B 65 5.91 -22.31 9.35
C HIS B 65 6.92 -22.93 8.42
N ARG B 66 8.11 -23.28 8.93
CA ARG B 66 9.10 -24.00 8.16
C ARG B 66 9.91 -24.84 9.12
N TYR B 67 10.65 -25.80 8.58
CA TYR B 67 11.48 -26.66 9.42
C TYR B 67 12.58 -27.25 8.57
N TYR B 68 13.55 -27.85 9.25
CA TYR B 68 14.71 -28.45 8.62
C TYR B 68 14.34 -29.79 7.99
N GLN B 69 14.69 -29.96 6.71
CA GLN B 69 14.39 -31.18 5.96
C GLN B 69 15.71 -31.86 5.62
N ARG B 70 16.10 -32.83 6.45
CA ARG B 70 17.41 -33.47 6.30
C ARG B 70 17.55 -34.17 4.96
N GLN B 71 16.45 -34.70 4.43
CA GLN B 71 16.50 -35.44 3.16
C GLN B 71 16.89 -34.55 2.00
N LEU B 72 16.69 -33.24 2.12
CA LEU B 72 17.00 -32.28 1.08
C LEU B 72 18.44 -31.76 1.15
N SER B 73 19.21 -32.16 2.15
CA SER B 73 20.58 -31.68 2.35
C SER B 73 21.58 -32.78 2.02
N SER B 74 22.46 -32.51 1.05
CA SER B 74 23.47 -33.50 0.66
C SER B 74 24.60 -33.60 1.67
N THR B 75 24.75 -32.62 2.56
CA THR B 75 25.82 -32.61 3.54
C THR B 75 25.37 -33.12 4.90
N TYR B 76 24.11 -33.51 5.03
CA TYR B 76 23.61 -34.04 6.30
C TYR B 76 24.26 -35.40 6.60
N ARG B 77 24.62 -35.61 7.87
CA ARG B 77 25.10 -36.90 8.35
C ARG B 77 24.31 -37.28 9.58
N ASP B 78 23.78 -38.50 9.59
CA ASP B 78 23.05 -38.99 10.75
C ASP B 78 24.04 -39.53 11.77
N LEU B 79 23.92 -39.09 13.02
CA LEU B 79 24.74 -39.64 14.10
C LEU B 79 24.11 -40.86 14.75
N ARG B 80 22.87 -41.19 14.37
CA ARG B 80 22.19 -42.40 14.84
C ARG B 80 22.16 -42.50 16.37
N LYS B 81 21.84 -41.36 17.00
CA LYS B 81 21.71 -41.29 18.45
C LYS B 81 20.58 -40.31 18.75
N GLY B 82 19.73 -40.68 19.71
CA GLY B 82 18.65 -39.81 20.11
C GLY B 82 19.13 -38.77 21.10
N VAL B 83 18.25 -37.81 21.41
CA VAL B 83 18.62 -36.73 22.32
C VAL B 83 17.34 -36.15 22.91
N TYR B 84 17.42 -35.73 24.17
CA TYR B 84 16.33 -35.08 24.88
C TYR B 84 16.90 -33.89 25.63
N VAL B 85 16.18 -32.77 25.62
CA VAL B 85 16.60 -31.58 26.35
C VAL B 85 15.40 -31.03 27.12
N PRO B 86 15.44 -31.02 28.46
CA PRO B 86 14.39 -30.35 29.23
C PRO B 86 14.84 -28.96 29.70
N TYR B 87 14.10 -27.93 29.35
CA TYR B 87 14.39 -26.58 29.84
C TYR B 87 13.60 -26.37 31.14
N THR B 88 13.35 -25.11 31.52
CA THR B 88 12.61 -24.88 32.76
C THR B 88 11.24 -25.57 32.71
N GLN B 89 10.50 -25.37 31.62
CA GLN B 89 9.20 -26.01 31.40
C GLN B 89 9.13 -26.77 30.09
N GLY B 90 9.63 -26.18 29.00
CA GLY B 90 9.51 -26.83 27.72
C GLY B 90 10.55 -27.92 27.57
N LYS B 91 10.32 -28.76 26.57
CA LYS B 91 11.25 -29.84 26.32
C LYS B 91 11.06 -30.36 24.90
N TRP B 92 12.11 -30.99 24.36
CA TRP B 92 12.01 -31.64 23.07
C TRP B 92 12.89 -32.88 23.08
N GLU B 93 12.60 -33.78 22.14
CA GLU B 93 13.44 -34.92 21.85
C GLU B 93 13.65 -34.95 20.34
N GLY B 94 14.73 -35.57 19.92
CA GLY B 94 15.01 -35.60 18.50
C GLY B 94 16.15 -36.51 18.17
N GLU B 95 16.70 -36.31 16.98
CA GLU B 95 17.71 -37.18 16.42
C GLU B 95 18.97 -36.35 16.20
N LEU B 96 20.11 -36.85 16.67
CA LEU B 96 21.37 -36.15 16.47
C LEU B 96 21.89 -36.39 15.06
N GLY B 97 22.46 -35.34 14.47
CA GLY B 97 23.19 -35.42 13.22
C GLY B 97 24.06 -34.18 13.12
N THR B 98 24.83 -34.11 12.03
CA THR B 98 25.62 -32.92 11.72
C THR B 98 25.28 -32.42 10.33
N ASP B 99 25.57 -31.14 10.10
CA ASP B 99 25.36 -30.53 8.80
C ASP B 99 26.13 -29.22 8.75
N LEU B 100 26.22 -28.65 7.56
CA LEU B 100 26.86 -27.36 7.37
C LEU B 100 25.92 -26.25 7.81
N VAL B 101 26.48 -25.26 8.49
CA VAL B 101 25.73 -24.15 9.06
C VAL B 101 26.46 -22.86 8.76
N SER B 102 25.69 -21.82 8.41
CA SER B 102 26.20 -20.47 8.19
C SER B 102 25.27 -19.49 8.88
N ILE B 103 25.79 -18.30 9.10
CA ILE B 103 25.06 -17.18 9.68
C ILE B 103 25.12 -16.02 8.69
N PRO B 104 24.07 -15.80 7.90
CA PRO B 104 24.11 -14.73 6.88
C PRO B 104 24.57 -13.37 7.39
N HIS B 105 24.00 -12.87 8.47
CA HIS B 105 24.45 -11.62 9.08
C HIS B 105 25.36 -11.92 10.27
N GLY B 106 26.32 -12.82 10.03
CA GLY B 106 27.33 -13.17 10.99
C GLY B 106 28.67 -13.17 10.30
N PRO B 107 29.66 -13.86 10.84
CA PRO B 107 30.94 -13.97 10.15
C PRO B 107 30.80 -14.79 8.89
N ASN B 108 31.67 -14.51 7.93
CA ASN B 108 31.59 -15.15 6.62
C ASN B 108 32.30 -16.50 6.67
N VAL B 109 31.65 -17.47 7.32
CA VAL B 109 32.20 -18.81 7.49
C VAL B 109 31.10 -19.86 7.39
N THR B 110 31.52 -21.10 7.20
CA THR B 110 30.64 -22.26 7.23
C THR B 110 31.28 -23.31 8.12
N VAL B 111 30.51 -23.85 9.05
CA VAL B 111 31.05 -24.82 9.99
C VAL B 111 30.19 -26.06 9.95
N ARG B 112 30.81 -27.21 10.17
CA ARG B 112 30.06 -28.42 10.39
C ARG B 112 29.76 -28.50 11.88
N ALA B 113 28.48 -28.47 12.21
CA ALA B 113 28.03 -28.40 13.59
C ALA B 113 27.10 -29.56 13.89
N ASN B 114 27.07 -29.96 15.16
CA ASN B 114 26.05 -30.87 15.66
C ASN B 114 24.70 -30.20 15.59
N ILE B 115 23.69 -30.92 15.10
CA ILE B 115 22.33 -30.41 15.04
C ILE B 115 21.39 -31.48 15.57
N ALA B 116 20.56 -31.12 16.54
CA ALA B 116 19.49 -31.99 16.98
C ALA B 116 18.26 -31.68 16.14
N ALA B 117 17.80 -32.67 15.38
CA ALA B 117 16.58 -32.53 14.60
C ALA B 117 15.40 -32.84 15.50
N ILE B 118 14.63 -31.82 15.87
CA ILE B 118 13.53 -31.97 16.82
C ILE B 118 12.36 -32.67 16.14
N THR B 119 11.96 -33.82 16.68
CA THR B 119 10.85 -34.59 16.18
C THR B 119 9.62 -34.58 17.08
N GLU B 120 9.77 -34.33 18.38
CA GLU B 120 8.63 -34.17 19.28
C GLU B 120 8.97 -33.12 20.33
N SER B 121 7.95 -32.40 20.80
CA SER B 121 8.21 -31.30 21.70
C SER B 121 6.96 -30.98 22.51
N ASP B 122 7.17 -30.35 23.65
CA ASP B 122 6.06 -29.97 24.53
C ASP B 122 6.37 -28.60 25.12
N LYS B 123 5.54 -27.61 24.80
CA LYS B 123 5.71 -26.25 25.33
C LYS B 123 7.10 -25.70 25.01
N PHE B 124 7.62 -26.08 23.85
CA PHE B 124 8.91 -25.56 23.41
C PHE B 124 8.67 -24.45 22.39
N PHE B 125 8.11 -24.79 21.25
CA PHE B 125 7.79 -23.80 20.22
C PHE B 125 6.68 -22.87 20.69
N ILE B 126 6.75 -21.61 20.29
CA ILE B 126 5.82 -20.58 20.71
C ILE B 126 5.02 -20.14 19.49
N ASN B 127 3.70 -20.12 19.63
CA ASN B 127 2.87 -19.72 18.50
C ASN B 127 3.15 -18.28 18.10
N GLY B 128 3.63 -18.09 16.87
CA GLY B 128 3.91 -16.76 16.36
C GLY B 128 5.29 -16.23 16.67
N SER B 129 6.18 -17.04 17.28
CA SER B 129 7.48 -16.52 17.72
C SER B 129 8.37 -16.13 16.55
N ASN B 130 8.15 -16.76 15.40
CA ASN B 130 8.92 -16.59 14.18
C ASN B 130 10.29 -17.23 14.25
N TRP B 131 10.59 -18.01 15.29
CA TRP B 131 11.79 -18.82 15.27
C TRP B 131 11.44 -20.30 15.27
N GLU B 132 12.33 -21.09 14.66
CA GLU B 132 12.11 -22.51 14.44
C GLU B 132 13.18 -23.40 15.07
N GLY B 133 14.13 -22.84 15.80
CA GLY B 133 15.18 -23.63 16.41
C GLY B 133 15.85 -22.82 17.51
N ILE B 134 16.85 -23.42 18.14
CA ILE B 134 17.50 -22.80 19.30
C ILE B 134 19.00 -22.98 19.18
N LEU B 135 19.73 -21.92 19.50
CA LEU B 135 21.19 -21.91 19.45
C LEU B 135 21.67 -21.80 20.89
N GLY B 136 21.99 -22.95 21.49
CA GLY B 136 22.56 -22.94 22.83
C GLY B 136 24.01 -22.49 22.80
N LEU B 137 24.28 -21.36 23.43
CA LEU B 137 25.60 -20.75 23.38
C LEU B 137 26.47 -21.04 24.60
N ALA B 138 25.98 -21.80 25.57
CA ALA B 138 26.77 -22.09 26.77
C ALA B 138 27.73 -23.25 26.49
N TYR B 139 28.30 -23.82 27.56
CA TYR B 139 29.42 -24.72 27.42
C TYR B 139 28.97 -26.17 27.37
N ALA B 140 29.89 -27.03 26.93
CA ALA B 140 29.59 -28.44 26.72
C ALA B 140 29.08 -29.13 27.98
N GLU B 141 29.54 -28.69 29.15
CA GLU B 141 29.18 -29.36 30.40
C GLU B 141 27.68 -29.56 30.55
N ILE B 142 26.86 -28.67 30.01
CA ILE B 142 25.40 -28.81 30.14
C ILE B 142 24.74 -29.24 28.83
N ALA B 143 25.51 -29.65 27.85
CA ALA B 143 24.93 -30.18 26.63
C ALA B 143 24.33 -31.56 26.87
N ARG B 144 23.22 -31.86 26.17
CA ARG B 144 22.69 -33.21 26.11
C ARG B 144 23.06 -33.86 24.78
N PRO B 145 23.25 -35.19 24.73
CA PRO B 145 23.08 -36.08 25.88
C PRO B 145 24.22 -35.98 26.91
N ASP B 146 25.40 -35.50 26.52
CA ASP B 146 26.50 -35.34 27.48
C ASP B 146 27.51 -34.35 26.90
N ASP B 147 28.59 -34.12 27.64
CA ASP B 147 29.49 -33.05 27.26
C ASP B 147 30.38 -33.41 26.09
N SER B 148 30.23 -34.62 25.51
CA SER B 148 30.94 -34.92 24.28
C SER B 148 30.24 -34.38 23.04
N LEU B 149 28.98 -33.92 23.15
CA LEU B 149 28.32 -33.27 22.03
C LEU B 149 28.78 -31.81 21.97
N GLU B 150 29.75 -31.53 21.12
CA GLU B 150 30.34 -30.20 21.01
C GLU B 150 29.31 -29.14 20.65
N PRO B 151 29.15 -28.09 21.45
CA PRO B 151 28.21 -27.02 21.11
C PRO B 151 28.64 -26.24 19.88
N PHE B 152 27.66 -25.54 19.30
CA PHE B 152 27.90 -24.81 18.05
C PHE B 152 29.08 -23.84 18.17
N PHE B 153 29.11 -23.04 19.22
CA PHE B 153 30.13 -22.01 19.27
C PHE B 153 31.53 -22.61 19.41
N ASP B 154 31.66 -23.73 20.13
CA ASP B 154 32.92 -24.44 20.16
C ASP B 154 33.33 -24.90 18.76
N SER B 155 32.39 -25.44 17.99
CA SER B 155 32.70 -25.84 16.61
C SER B 155 33.13 -24.63 15.80
N LEU B 156 32.39 -23.52 15.93
CA LEU B 156 32.72 -22.30 15.21
C LEU B 156 34.14 -21.89 15.47
N VAL B 157 34.53 -21.85 16.75
CA VAL B 157 35.86 -21.41 17.12
C VAL B 157 36.91 -22.42 16.68
N LYS B 158 36.61 -23.71 16.75
CA LYS B 158 37.58 -24.74 16.37
C LYS B 158 37.86 -24.72 14.87
N GLN B 159 36.81 -24.56 14.05
CA GLN B 159 36.94 -24.71 12.61
C GLN B 159 37.28 -23.42 11.86
N THR B 160 37.23 -22.25 12.49
CA THR B 160 37.42 -20.99 11.79
C THR B 160 38.39 -20.13 12.61
N HIS B 161 38.66 -18.92 12.12
CA HIS B 161 39.51 -17.97 12.82
C HIS B 161 38.74 -17.00 13.69
N VAL B 162 37.44 -17.21 13.86
CA VAL B 162 36.58 -16.37 14.70
C VAL B 162 37.12 -16.40 16.13
N PRO B 163 37.42 -15.24 16.73
CA PRO B 163 37.87 -15.23 18.12
C PRO B 163 36.82 -15.80 19.06
N ASN B 164 37.29 -16.29 20.21
CA ASN B 164 36.45 -17.05 21.13
C ASN B 164 35.72 -16.09 22.08
N LEU B 165 34.80 -15.32 21.49
CA LEU B 165 33.91 -14.50 22.30
C LEU B 165 32.80 -14.01 21.42
N PHE B 166 31.69 -13.62 22.05
CA PHE B 166 30.61 -12.98 21.34
C PHE B 166 29.99 -11.98 22.29
N SER B 167 29.21 -11.04 21.76
CA SER B 167 28.56 -10.04 22.59
C SER B 167 27.13 -9.85 22.12
N LEU B 168 26.26 -9.48 23.06
CA LEU B 168 24.84 -9.41 22.81
C LEU B 168 24.32 -8.04 23.23
N GLN B 169 23.64 -7.36 22.31
CA GLN B 169 22.93 -6.13 22.62
C GLN B 169 21.45 -6.43 22.39
N LEU B 170 20.70 -6.69 23.45
CA LEU B 170 19.27 -6.94 23.32
C LEU B 170 18.52 -5.63 23.57
N CYS B 171 17.73 -5.19 22.61
CA CYS B 171 17.00 -3.94 22.75
C CYS B 171 15.53 -4.25 23.05
N GLY B 172 15.00 -3.62 24.08
CA GLY B 172 13.62 -3.86 24.47
C GLY B 172 12.59 -3.24 23.55
N ALA B 173 11.41 -2.94 24.11
CA ALA B 173 10.33 -2.32 23.35
C ALA B 173 10.21 -0.82 23.65
N SER B 185 7.40 -5.87 19.11
CA SER B 185 8.55 -6.21 18.28
C SER B 185 9.84 -5.67 18.89
N VAL B 186 10.91 -6.48 18.86
CA VAL B 186 12.20 -6.10 19.42
C VAL B 186 13.31 -6.38 18.40
N GLY B 187 14.48 -5.82 18.68
CA GLY B 187 15.65 -6.04 17.84
C GLY B 187 16.89 -6.07 18.71
N GLY B 188 18.04 -6.31 18.07
CA GLY B 188 19.30 -6.29 18.78
C GLY B 188 20.44 -6.74 17.88
N SER B 189 21.61 -6.93 18.49
CA SER B 189 22.81 -7.33 17.77
C SER B 189 23.49 -8.47 18.51
N MET B 190 23.91 -9.48 17.76
CA MET B 190 24.83 -10.50 18.26
C MET B 190 26.11 -10.36 17.45
N ILE B 191 27.15 -9.82 18.08
CA ILE B 191 28.45 -9.64 17.45
C ILE B 191 29.24 -10.91 17.72
N ILE B 192 29.45 -11.71 16.68
CA ILE B 192 30.15 -12.99 16.81
C ILE B 192 31.62 -12.75 16.56
N GLY B 193 32.44 -13.00 17.57
CA GLY B 193 33.88 -12.86 17.45
C GLY B 193 34.44 -11.54 17.94
N GLY B 194 33.65 -10.69 18.59
CA GLY B 194 34.22 -9.43 19.01
C GLY B 194 33.24 -8.52 19.71
N ILE B 195 33.69 -7.27 19.87
CA ILE B 195 33.00 -6.20 20.56
C ILE B 195 32.84 -5.05 19.59
N ASP B 196 31.63 -4.51 19.48
CA ASP B 196 31.35 -3.36 18.61
C ASP B 196 31.13 -2.14 19.50
N HIS B 197 32.02 -1.15 19.38
CA HIS B 197 31.96 0.00 20.28
C HIS B 197 30.77 0.91 20.01
N SER B 198 30.12 0.80 18.86
CA SER B 198 28.94 1.64 18.68
C SER B 198 27.74 1.11 19.46
N LEU B 199 27.86 -0.07 20.09
CA LEU B 199 26.72 -0.66 20.77
C LEU B 199 26.65 -0.30 22.26
N TYR B 200 27.62 0.47 22.78
CA TYR B 200 27.56 0.79 24.19
C TYR B 200 28.19 2.15 24.45
N THR B 201 27.88 2.71 25.62
CA THR B 201 28.51 3.94 26.10
C THR B 201 29.18 3.65 27.44
N GLY B 202 30.10 4.55 27.82
CA GLY B 202 30.82 4.34 29.07
C GLY B 202 31.78 3.15 28.94
N SER B 203 32.20 2.62 30.08
CA SER B 203 33.17 1.53 30.12
C SER B 203 32.51 0.18 30.28
N LEU B 204 33.23 -0.84 29.81
CA LEU B 204 32.92 -2.23 30.12
C LEU B 204 33.46 -2.62 31.49
N TRP B 205 32.61 -3.26 32.30
CA TRP B 205 33.00 -3.82 33.58
C TRP B 205 32.86 -5.34 33.51
N TYR B 206 33.88 -6.08 33.96
CA TYR B 206 33.90 -7.52 33.79
C TYR B 206 33.80 -8.26 35.12
N THR B 207 33.07 -9.37 35.08
CA THR B 207 32.92 -10.29 36.20
C THR B 207 33.40 -11.67 35.75
N PRO B 208 34.10 -12.41 36.60
CA PRO B 208 34.62 -13.72 36.19
C PRO B 208 33.48 -14.69 35.90
N ILE B 209 33.68 -15.52 34.89
CA ILE B 209 32.86 -16.71 34.75
C ILE B 209 33.35 -17.72 35.77
N ARG B 210 32.50 -18.05 36.73
CA ARG B 210 32.95 -18.86 37.86
C ARG B 210 33.33 -20.25 37.41
N ARG B 211 32.55 -20.82 36.51
CA ARG B 211 32.71 -22.17 36.01
C ARG B 211 32.10 -22.19 34.62
N GLU B 212 32.77 -22.88 33.68
CA GLU B 212 32.28 -22.92 32.31
C GLU B 212 31.27 -24.06 32.17
N TRP B 213 30.02 -23.77 32.50
CA TRP B 213 28.94 -24.70 32.17
C TRP B 213 27.77 -23.84 31.68
N TYR B 214 26.91 -23.36 32.59
CA TYR B 214 26.23 -22.10 32.30
C TYR B 214 27.24 -20.96 32.28
N TYR B 215 26.79 -19.76 31.87
CA TYR B 215 27.58 -18.55 32.10
C TYR B 215 27.33 -18.15 33.56
N GLU B 216 28.03 -18.80 34.47
CA GLU B 216 27.82 -18.62 35.90
C GLU B 216 28.66 -17.45 36.41
N VAL B 217 28.02 -16.58 37.19
CA VAL B 217 28.69 -15.43 37.79
C VAL B 217 28.37 -15.42 39.28
N ILE B 218 29.01 -14.50 40.01
CA ILE B 218 28.81 -14.39 41.45
C ILE B 218 28.26 -13.01 41.76
N ILE B 219 27.07 -12.97 42.34
CA ILE B 219 26.47 -11.75 42.84
C ILE B 219 26.91 -11.54 44.29
N VAL B 220 27.45 -10.36 44.59
CA VAL B 220 28.05 -10.14 45.89
C VAL B 220 27.24 -9.19 46.77
N ARG B 221 26.24 -8.52 46.23
CA ARG B 221 25.43 -7.58 47.00
C ARG B 221 24.20 -7.27 46.17
N VAL B 222 23.07 -7.05 46.82
CA VAL B 222 21.86 -6.61 46.17
C VAL B 222 21.31 -5.42 46.93
N GLU B 223 21.01 -4.34 46.21
CA GLU B 223 20.38 -3.16 46.80
C GLU B 223 19.08 -2.91 46.05
N ILE B 224 18.08 -2.49 46.79
CA ILE B 224 16.80 -2.06 46.24
C ILE B 224 16.48 -0.70 46.83
N ASN B 225 16.18 0.27 45.95
CA ASN B 225 16.00 1.66 46.37
C ASN B 225 17.21 2.17 47.14
N GLY B 226 18.41 1.72 46.76
CA GLY B 226 19.63 2.13 47.40
C GLY B 226 19.92 1.48 48.73
N GLN B 227 19.05 0.58 49.18
CA GLN B 227 19.18 -0.08 50.47
C GLN B 227 19.58 -1.54 50.33
N ASP B 228 20.62 -1.94 51.05
CA ASP B 228 21.10 -3.32 51.01
C ASP B 228 20.02 -4.27 51.53
N LEU B 229 19.79 -5.36 50.80
CA LEU B 229 18.87 -6.41 51.24
C LEU B 229 19.33 -7.11 52.51
N LYS B 230 20.60 -6.96 52.91
CA LYS B 230 21.10 -7.46 54.20
C LYS B 230 20.92 -8.97 54.34
N MET B 231 21.22 -9.72 53.28
CA MET B 231 21.25 -11.17 53.35
C MET B 231 22.68 -11.69 53.27
N ASP B 232 22.87 -12.91 53.76
CA ASP B 232 24.07 -13.66 53.42
C ASP B 232 24.21 -13.72 51.90
N CYS B 233 25.34 -13.23 51.38
CA CYS B 233 25.45 -13.12 49.92
C CYS B 233 25.40 -14.49 49.23
N LYS B 234 25.63 -15.58 49.96
CA LYS B 234 25.41 -16.89 49.38
C LYS B 234 23.96 -17.09 48.93
N GLU B 235 23.02 -16.43 49.62
CA GLU B 235 21.61 -16.55 49.23
C GLU B 235 21.37 -16.03 47.82
N TYR B 236 22.16 -15.03 47.38
CA TYR B 236 21.97 -14.49 46.03
C TYR B 236 22.35 -15.49 44.95
N ASN B 237 23.23 -16.44 45.26
CA ASN B 237 23.78 -17.36 44.27
C ASN B 237 23.45 -18.81 44.63
N TYR B 238 22.33 -19.03 45.30
CA TYR B 238 21.91 -20.34 45.75
C TYR B 238 20.87 -20.86 44.78
N ASP B 239 21.20 -21.88 43.99
CA ASP B 239 22.50 -22.59 44.03
C ASP B 239 23.50 -22.19 42.90
N LYS B 240 23.11 -21.22 42.08
CA LYS B 240 24.01 -20.62 41.09
C LYS B 240 23.39 -19.31 40.65
N SER B 241 24.20 -18.47 40.00
CA SER B 241 23.69 -17.30 39.30
C SER B 241 24.22 -17.34 37.88
N ILE B 242 23.33 -17.15 36.90
CA ILE B 242 23.71 -17.31 35.50
C ILE B 242 23.13 -16.18 34.65
N VAL B 243 23.76 -15.97 33.50
CA VAL B 243 23.29 -15.00 32.52
C VAL B 243 22.62 -15.79 31.39
N ASP B 244 21.34 -15.52 31.14
CA ASP B 244 20.51 -16.36 30.28
C ASP B 244 19.66 -15.50 29.34
N SER B 245 20.15 -15.29 28.13
CA SER B 245 19.38 -14.56 27.12
C SER B 245 18.13 -15.33 26.72
N GLY B 246 18.07 -16.62 27.01
CA GLY B 246 16.89 -17.40 26.66
C GLY B 246 15.76 -17.37 27.66
N THR B 247 15.91 -16.65 28.77
CA THR B 247 14.84 -16.51 29.76
C THR B 247 14.46 -15.04 29.86
N THR B 248 13.16 -14.77 29.95
CA THR B 248 12.74 -13.37 29.98
C THR B 248 13.05 -12.72 31.31
N ASN B 249 12.62 -13.35 32.40
CA ASN B 249 12.54 -12.65 33.67
C ASN B 249 13.89 -12.63 34.38
N LEU B 250 14.02 -11.69 35.30
CA LEU B 250 14.94 -11.88 36.42
C LEU B 250 14.29 -12.90 37.36
N ARG B 251 14.95 -14.02 37.57
CA ARG B 251 14.44 -15.05 38.47
C ARG B 251 15.39 -15.12 39.64
N LEU B 252 14.83 -15.11 40.84
CA LEU B 252 15.56 -15.00 42.08
C LEU B 252 15.27 -16.18 42.99
N PRO B 253 16.27 -16.67 43.73
CA PRO B 253 16.00 -17.70 44.74
C PRO B 253 14.91 -17.25 45.70
N LYS B 254 14.14 -18.23 46.20
CA LYS B 254 12.98 -18.00 47.07
C LYS B 254 13.20 -16.91 48.13
N LYS B 255 14.24 -17.06 48.95
CA LYS B 255 14.46 -16.10 50.03
C LYS B 255 14.74 -14.70 49.49
N VAL B 256 15.50 -14.61 48.40
CA VAL B 256 15.83 -13.29 47.83
C VAL B 256 14.60 -12.67 47.18
N PHE B 257 13.82 -13.47 46.45
CA PHE B 257 12.61 -12.98 45.81
C PHE B 257 11.64 -12.37 46.82
N GLU B 258 11.39 -13.07 47.92
CA GLU B 258 10.44 -12.56 48.92
C GLU B 258 10.93 -11.24 49.50
N ALA B 259 12.21 -11.20 49.86
CA ALA B 259 12.80 -9.96 50.35
C ALA B 259 12.71 -8.87 49.30
N ALA B 260 12.90 -9.23 48.02
CA ALA B 260 12.86 -8.24 46.95
C ALA B 260 11.44 -7.73 46.74
N VAL B 261 10.45 -8.63 46.73
CA VAL B 261 9.07 -8.19 46.60
C VAL B 261 8.66 -7.30 47.77
N LYS B 262 9.07 -7.69 48.98
CA LYS B 262 8.77 -6.87 50.16
C LYS B 262 9.33 -5.47 50.01
N SER B 263 10.55 -5.35 49.50
CA SER B 263 11.17 -4.04 49.35
C SER B 263 10.52 -3.24 48.23
N ILE B 264 10.15 -3.90 47.14
CA ILE B 264 9.52 -3.20 46.03
C ILE B 264 8.09 -2.82 46.39
N LYS B 265 7.40 -3.68 47.16
CA LYS B 265 6.07 -3.33 47.69
C LYS B 265 6.14 -2.08 48.55
N ALA B 266 7.10 -2.04 49.49
CA ALA B 266 7.24 -0.88 50.37
C ALA B 266 7.43 0.41 49.59
N ALA B 267 8.26 0.37 48.54
CA ALA B 267 8.54 1.57 47.77
C ALA B 267 7.33 2.00 46.94
N SER B 268 6.48 1.06 46.54
CA SER B 268 5.32 1.34 45.71
C SER B 268 4.01 1.29 46.50
N SER B 269 4.09 1.39 47.83
CA SER B 269 2.92 1.22 48.68
C SER B 269 1.86 2.30 48.46
N THR B 270 2.22 3.45 47.88
CA THR B 270 1.23 4.48 47.61
C THR B 270 0.13 3.99 46.68
N GLU B 271 0.43 2.99 45.85
CA GLU B 271 -0.57 2.34 45.01
C GLU B 271 -0.79 0.92 45.49
N LYS B 272 -1.96 0.37 45.17
CA LYS B 272 -2.32 -0.98 45.56
C LYS B 272 -2.38 -1.85 44.31
N PHE B 273 -1.91 -3.08 44.45
CA PHE B 273 -1.87 -4.02 43.34
C PHE B 273 -2.50 -5.34 43.77
N PRO B 274 -3.04 -6.09 42.82
CA PRO B 274 -3.42 -7.48 43.13
C PRO B 274 -2.19 -8.27 43.56
N ASP B 275 -2.38 -9.21 44.49
CA ASP B 275 -1.25 -10.00 44.92
C ASP B 275 -0.81 -10.99 43.84
N GLY B 276 -1.71 -11.32 42.90
CA GLY B 276 -1.30 -12.06 41.72
C GLY B 276 -0.43 -11.27 40.77
N PHE B 277 -0.38 -9.95 40.92
CA PHE B 277 0.57 -9.15 40.14
C PHE B 277 2.00 -9.47 40.55
N TRP B 278 2.25 -9.54 41.86
CA TRP B 278 3.58 -9.86 42.35
C TRP B 278 3.98 -11.29 42.02
N LEU B 279 3.02 -12.15 41.71
CA LEU B 279 3.29 -13.52 41.28
C LEU B 279 3.42 -13.65 39.77
N GLY B 280 3.26 -12.56 39.03
CA GLY B 280 3.48 -12.55 37.60
C GLY B 280 2.28 -12.94 36.76
N GLU B 281 1.13 -13.15 37.37
CA GLU B 281 -0.07 -13.57 36.65
C GLU B 281 -0.87 -12.36 36.18
N GLN B 282 -1.40 -11.58 37.12
CA GLN B 282 -2.21 -10.42 36.79
C GLN B 282 -1.33 -9.26 36.34
N LEU B 283 -1.70 -8.62 35.25
CA LEU B 283 -1.04 -7.41 34.78
C LEU B 283 -1.74 -6.18 35.33
N VAL B 284 -0.96 -5.14 35.61
CA VAL B 284 -1.51 -3.90 36.14
C VAL B 284 -1.51 -2.88 35.02
N CYS B 285 -2.50 -1.99 35.03
CA CYS B 285 -2.63 -0.99 33.98
C CYS B 285 -2.80 0.40 34.57
N TRP B 286 -2.33 1.38 33.81
CA TRP B 286 -2.54 2.79 34.07
C TRP B 286 -2.93 3.43 32.75
N GLN B 287 -3.60 4.57 32.86
CA GLN B 287 -3.96 5.34 31.67
C GLN B 287 -2.71 5.68 30.87
N ALA B 288 -2.77 5.39 29.55
CA ALA B 288 -1.61 5.49 28.66
C ALA B 288 -0.81 6.76 28.87
N GLY B 289 0.41 6.64 29.39
CA GLY B 289 1.28 7.77 29.64
C GLY B 289 1.34 8.22 31.07
N THR B 290 0.54 7.63 31.97
CA THR B 290 0.52 8.00 33.38
C THR B 290 1.21 6.98 34.26
N THR B 291 2.00 6.08 33.67
CA THR B 291 2.73 5.08 34.43
C THR B 291 3.57 5.77 35.50
N PRO B 292 3.38 5.46 36.78
CA PRO B 292 4.13 6.11 37.88
C PRO B 292 5.50 5.48 38.11
N TRP B 293 6.38 5.63 37.12
CA TRP B 293 7.70 5.01 37.19
C TRP B 293 8.43 5.39 38.48
N ASN B 294 8.26 6.64 38.94
CA ASN B 294 9.04 7.16 40.04
C ASN B 294 8.80 6.41 41.35
N ILE B 295 7.67 5.72 41.50
CA ILE B 295 7.40 5.04 42.77
C ILE B 295 7.98 3.64 42.81
N PHE B 296 8.51 3.14 41.71
CA PHE B 296 9.17 1.84 41.73
C PHE B 296 10.67 2.03 41.85
N PRO B 297 11.33 1.28 42.72
CA PRO B 297 12.76 1.52 42.97
C PRO B 297 13.65 0.93 41.88
N VAL B 298 14.89 1.40 41.87
CA VAL B 298 15.94 0.78 41.06
C VAL B 298 16.52 -0.40 41.82
N ILE B 299 16.95 -1.42 41.09
CA ILE B 299 17.60 -2.59 41.66
C ILE B 299 19.04 -2.60 41.20
N SER B 300 19.97 -2.73 42.14
CA SER B 300 21.40 -2.81 41.85
C SER B 300 21.91 -4.19 42.20
N LEU B 301 22.49 -4.88 41.22
CA LEU B 301 23.19 -6.13 41.46
C LEU B 301 24.68 -5.84 41.41
N TYR B 302 25.38 -6.12 42.50
CA TYR B 302 26.83 -6.00 42.53
C TYR B 302 27.43 -7.32 42.13
N LEU B 303 28.31 -7.30 41.14
CA LEU B 303 28.97 -8.48 40.62
C LEU B 303 30.43 -8.48 41.03
N MET B 304 30.96 -9.68 41.28
CA MET B 304 32.38 -9.82 41.52
C MET B 304 33.18 -9.22 40.37
N GLY B 305 34.23 -8.47 40.73
CA GLY B 305 35.10 -7.80 39.79
C GLY B 305 36.32 -8.61 39.42
N GLU B 306 37.22 -7.95 38.68
CA GLU B 306 38.48 -8.53 38.20
C GLU B 306 39.68 -8.38 39.14
N VAL B 307 39.67 -7.43 40.09
CA VAL B 307 40.79 -7.30 41.01
C VAL B 307 40.33 -7.54 42.47
N THR B 308 41.32 -7.72 43.35
CA THR B 308 41.08 -8.14 44.72
C THR B 308 40.15 -7.17 45.43
N ASN B 309 39.09 -7.70 46.04
CA ASN B 309 38.18 -6.94 46.86
C ASN B 309 37.44 -5.88 46.05
N GLN B 310 37.33 -6.05 44.73
CA GLN B 310 36.67 -5.07 43.88
C GLN B 310 35.45 -5.67 43.19
N SER B 311 34.33 -4.96 43.30
CA SER B 311 33.09 -5.28 42.61
C SER B 311 32.66 -4.10 41.71
N PHE B 312 31.57 -4.32 40.99
CA PHE B 312 30.90 -3.24 40.28
C PHE B 312 29.42 -3.56 40.35
N ARG B 313 28.59 -2.60 40.02
CA ARG B 313 27.16 -2.85 40.05
C ARG B 313 26.52 -2.53 38.71
N ILE B 314 25.46 -3.27 38.40
CA ILE B 314 24.56 -2.93 37.30
C ILE B 314 23.23 -2.56 37.93
N THR B 315 22.62 -1.50 37.42
CA THR B 315 21.40 -0.97 38.03
C THR B 315 20.23 -1.13 37.06
N ILE B 316 19.14 -1.70 37.57
CA ILE B 316 17.97 -2.10 36.81
C ILE B 316 16.85 -1.10 37.10
N LEU B 317 16.23 -0.52 36.04
CA LEU B 317 15.10 0.38 36.22
C LEU B 317 13.79 -0.37 36.22
N PRO B 318 12.73 0.22 36.81
CA PRO B 318 11.41 -0.41 36.72
C PRO B 318 10.95 -0.63 35.30
N GLN B 319 11.40 0.20 34.35
CA GLN B 319 11.09 -0.05 32.94
C GLN B 319 11.66 -1.37 32.45
N GLN B 320 12.61 -1.96 33.19
CA GLN B 320 13.10 -3.28 32.83
C GLN B 320 12.32 -4.40 33.49
N TYR B 321 11.98 -4.28 34.77
CA TYR B 321 11.33 -5.38 35.43
C TYR B 321 9.81 -5.27 35.44
N LEU B 322 9.26 -4.23 34.83
CA LEU B 322 7.82 -4.15 34.51
C LEU B 322 7.72 -4.29 33.00
N ARG B 323 7.44 -5.52 32.53
CA ARG B 323 7.47 -5.81 31.11
C ARG B 323 6.13 -5.47 30.47
N PRO B 324 6.10 -4.68 29.40
CA PRO B 324 4.83 -4.27 28.81
C PRO B 324 4.15 -5.41 28.07
N VAL B 325 2.83 -5.54 28.29
CA VAL B 325 2.01 -6.56 27.65
C VAL B 325 0.79 -5.90 27.03
N GLU B 326 0.37 -6.41 25.87
CA GLU B 326 -0.82 -5.94 25.17
C GLU B 326 -2.06 -6.12 26.03
N ASP B 327 -2.87 -5.05 26.16
CA ASP B 327 -4.08 -5.14 26.97
C ASP B 327 -5.13 -5.99 26.25
N VAL B 328 -5.60 -7.03 26.94
CA VAL B 328 -6.63 -7.89 26.37
C VAL B 328 -7.95 -7.15 26.24
N ALA B 329 -8.20 -6.19 27.13
CA ALA B 329 -9.43 -5.42 27.05
C ALA B 329 -9.37 -4.46 25.87
N THR B 330 -10.54 -3.98 25.46
CA THR B 330 -10.63 -2.99 24.39
C THR B 330 -9.94 -1.68 24.77
N SER B 331 -9.67 -1.49 26.06
CA SER B 331 -8.94 -0.31 26.51
C SER B 331 -7.51 -0.35 26.00
N GLN B 332 -7.06 0.76 25.43
CA GLN B 332 -5.68 0.87 24.98
C GLN B 332 -4.91 1.76 25.97
N ASP B 333 -4.69 1.18 27.15
CA ASP B 333 -3.89 1.76 28.20
C ASP B 333 -2.50 1.11 28.20
N ASP B 334 -1.68 1.44 29.18
CA ASP B 334 -0.38 0.80 29.37
C ASP B 334 -0.50 -0.27 30.44
N CYS B 335 -0.25 -1.53 30.07
CA CYS B 335 -0.35 -2.65 30.99
C CYS B 335 0.97 -3.40 31.04
N TYR B 336 1.30 -3.92 32.22
CA TYR B 336 2.63 -4.46 32.48
C TYR B 336 2.55 -5.72 33.33
N LYS B 337 3.48 -6.64 33.08
CA LYS B 337 3.70 -7.78 33.95
C LYS B 337 4.93 -7.57 34.84
N PHE B 338 4.82 -8.02 36.08
CA PHE B 338 5.97 -8.08 36.97
C PHE B 338 6.91 -9.16 36.44
N ALA B 339 8.10 -8.77 36.00
CA ALA B 339 9.04 -9.68 35.36
C ALA B 339 10.17 -10.10 36.29
N ILE B 340 9.90 -10.16 37.59
CA ILE B 340 10.79 -10.79 38.55
C ILE B 340 10.05 -11.99 39.09
N SER B 341 10.66 -13.17 38.96
CA SER B 341 10.01 -14.44 39.25
C SER B 341 10.77 -15.17 40.35
N GLN B 342 10.04 -16.04 41.03
CA GLN B 342 10.65 -16.93 42.01
C GLN B 342 11.32 -18.11 41.31
N SER B 343 12.46 -18.53 41.83
CA SER B 343 13.23 -19.64 41.27
C SER B 343 13.61 -20.63 42.37
N SER B 344 13.79 -21.90 41.99
CA SER B 344 14.33 -22.89 42.91
C SER B 344 15.65 -23.44 42.41
N THR B 345 16.19 -22.87 41.33
CA THR B 345 17.40 -23.35 40.69
C THR B 345 18.42 -22.23 40.54
N GLY B 346 18.35 -21.22 41.42
CA GLY B 346 19.31 -20.13 41.45
C GLY B 346 18.81 -18.86 40.76
N THR B 347 19.70 -17.86 40.73
CA THR B 347 19.38 -16.60 40.07
C THR B 347 19.53 -16.77 38.57
N VAL B 348 18.55 -16.28 37.82
CA VAL B 348 18.65 -16.22 36.36
C VAL B 348 18.57 -14.76 35.97
N MET B 349 19.67 -14.22 35.46
CA MET B 349 19.67 -12.87 34.90
C MET B 349 19.21 -12.98 33.45
N GLY B 350 17.90 -12.82 33.25
CA GLY B 350 17.27 -13.02 31.96
C GLY B 350 17.30 -11.77 31.11
N ALA B 351 16.49 -11.81 30.03
CA ALA B 351 16.49 -10.72 29.06
C ALA B 351 16.15 -9.37 29.70
N VAL B 352 15.29 -9.32 30.72
CA VAL B 352 14.97 -8.01 31.25
C VAL B 352 16.14 -7.39 31.98
N ILE B 353 17.08 -8.20 32.48
CA ILE B 353 18.33 -7.65 32.98
C ILE B 353 19.22 -7.26 31.81
N MET B 354 19.36 -8.16 30.82
CA MET B 354 20.32 -7.94 29.74
C MET B 354 19.93 -6.76 28.86
N GLU B 355 18.64 -6.50 28.70
CA GLU B 355 18.19 -5.38 27.88
C GLU B 355 18.68 -4.09 28.52
N GLY B 356 19.11 -3.16 27.69
CA GLY B 356 19.73 -1.99 28.30
C GLY B 356 21.17 -2.17 28.74
N PHE B 357 21.74 -3.38 28.65
CA PHE B 357 23.19 -3.53 28.75
C PHE B 357 23.73 -4.15 27.48
N TYR B 358 24.97 -3.84 27.19
CA TYR B 358 25.76 -4.57 26.20
C TYR B 358 26.54 -5.60 27.00
N VAL B 359 26.34 -6.87 26.69
CA VAL B 359 26.87 -7.98 27.49
C VAL B 359 27.86 -8.73 26.63
N VAL B 360 29.12 -8.75 27.08
CA VAL B 360 30.20 -9.38 26.35
C VAL B 360 30.50 -10.73 26.99
N PHE B 361 30.32 -11.80 26.22
CA PHE B 361 30.65 -13.15 26.68
C PHE B 361 32.06 -13.45 26.22
N ASP B 362 33.02 -13.07 27.06
CA ASP B 362 34.43 -13.15 26.70
C ASP B 362 34.93 -14.53 27.13
N ARG B 363 34.60 -15.53 26.33
CA ARG B 363 34.98 -16.89 26.70
C ARG B 363 36.49 -17.04 26.78
N ALA B 364 37.23 -16.36 25.89
CA ALA B 364 38.69 -16.51 25.86
C ALA B 364 39.31 -16.10 27.19
N ARG B 365 38.76 -15.08 27.85
CA ARG B 365 39.34 -14.63 29.11
C ARG B 365 38.46 -14.97 30.31
N LYS B 366 37.49 -15.87 30.10
CA LYS B 366 36.62 -16.39 31.16
C LYS B 366 35.97 -15.27 31.96
N ARG B 367 35.37 -14.33 31.24
CA ARG B 367 34.72 -13.22 31.93
C ARG B 367 33.54 -12.74 31.11
N ILE B 368 32.62 -12.08 31.80
CA ILE B 368 31.45 -11.47 31.17
C ILE B 368 31.51 -9.98 31.44
N GLY B 369 31.41 -9.18 30.38
CA GLY B 369 31.46 -7.73 30.50
C GLY B 369 30.09 -7.11 30.38
N PHE B 370 29.89 -6.02 31.13
CA PHE B 370 28.66 -5.26 31.13
C PHE B 370 28.98 -3.81 30.84
N ALA B 371 28.22 -3.21 29.93
CA ALA B 371 28.28 -1.79 29.67
C ALA B 371 26.87 -1.30 29.39
N VAL B 372 26.65 -0.01 29.63
CA VAL B 372 25.37 0.60 29.30
C VAL B 372 25.13 0.48 27.81
N SER B 373 23.97 -0.04 27.43
CA SER B 373 23.66 -0.26 26.03
C SER B 373 23.41 1.06 25.30
N ALA B 374 23.78 1.10 24.02
CA ALA B 374 23.39 2.25 23.19
C ALA B 374 21.87 2.36 23.08
N CYS B 375 21.16 1.23 23.10
CA CYS B 375 19.70 1.25 23.20
C CYS B 375 19.28 1.05 24.65
N HIS B 376 19.69 1.98 25.51
CA HIS B 376 19.54 1.73 26.94
C HIS B 376 18.18 2.17 27.45
N VAL B 377 17.80 1.55 28.55
CA VAL B 377 16.53 1.84 29.20
C VAL B 377 16.71 3.12 30.01
N HIS B 378 15.77 4.06 29.86
CA HIS B 378 15.93 5.37 30.48
C HIS B 378 14.68 6.23 30.34
N ASP B 379 14.19 6.73 31.46
CA ASP B 379 13.20 7.80 31.45
C ASP B 379 13.94 9.13 31.67
N GLU B 380 13.21 10.14 32.13
CA GLU B 380 13.81 11.47 32.27
C GLU B 380 14.67 11.60 33.52
N PHE B 381 14.34 10.90 34.62
CA PHE B 381 15.09 11.13 35.85
C PHE B 381 16.12 10.06 36.19
N ARG B 382 15.99 8.83 35.65
CA ARG B 382 16.91 7.77 36.01
C ARG B 382 17.37 7.03 34.77
N THR B 383 18.53 6.40 34.89
CA THR B 383 19.11 5.65 33.78
C THR B 383 19.74 4.37 34.31
N ALA B 384 19.59 3.30 33.54
CA ALA B 384 20.37 2.10 33.82
C ALA B 384 21.86 2.44 33.78
N ALA B 385 22.62 1.74 34.61
CA ALA B 385 24.01 2.12 34.78
C ALA B 385 24.85 0.88 35.07
N VAL B 386 26.11 0.98 34.72
CA VAL B 386 27.15 0.06 35.14
C VAL B 386 28.20 0.92 35.82
N GLU B 387 28.42 0.67 37.12
CA GLU B 387 29.21 1.61 37.91
C GLU B 387 30.21 0.87 38.75
N GLY B 388 31.40 1.44 38.88
CA GLY B 388 32.42 0.89 39.73
C GLY B 388 33.58 1.85 39.80
N PRO B 389 34.64 1.49 40.53
CA PRO B 389 34.72 0.23 41.28
C PRO B 389 34.06 0.38 42.64
N PHE B 390 33.66 -0.73 43.23
CA PHE B 390 33.24 -0.79 44.61
C PHE B 390 34.16 -1.76 45.33
N VAL B 391 34.20 -1.64 46.65
CA VAL B 391 34.98 -2.57 47.48
C VAL B 391 34.02 -3.56 48.13
N THR B 392 34.33 -4.85 48.04
CA THR B 392 33.54 -5.90 48.66
C THR B 392 34.53 -6.94 49.15
N LEU B 393 34.45 -7.28 50.42
CA LEU B 393 35.29 -8.31 51.02
C LEU B 393 34.72 -9.70 50.81
N ASP B 394 35.59 -10.71 50.84
CA ASP B 394 35.21 -12.13 50.83
C ASP B 394 34.29 -12.50 49.67
N MET B 395 34.55 -11.91 48.50
CA MET B 395 33.64 -12.10 47.37
C MET B 395 33.53 -13.57 46.99
N GLU B 396 34.63 -14.32 47.11
CA GLU B 396 34.58 -15.73 46.75
C GLU B 396 33.60 -16.50 47.65
N ASP B 397 33.45 -16.08 48.90
CA ASP B 397 32.55 -16.77 49.81
C ASP B 397 31.09 -16.61 49.41
N CYS B 398 30.77 -15.68 48.51
CA CYS B 398 29.39 -15.53 48.05
C CYS B 398 28.98 -16.67 47.16
N GLY B 399 29.95 -17.40 46.60
CA GLY B 399 29.62 -18.53 45.75
C GLY B 399 29.13 -19.71 46.57
N TYR B 400 28.09 -20.36 46.06
CA TYR B 400 27.53 -21.54 46.71
C TYR B 400 28.23 -22.80 46.22
N ASN B 401 28.43 -23.75 47.15
CA ASN B 401 29.06 -25.03 46.83
C ASN B 401 28.16 -26.22 47.19
N SER C 14 -45.03 -6.76 -8.04
CA SER C 14 -45.63 -7.49 -9.16
C SER C 14 -44.81 -7.24 -10.44
N PHE C 15 -43.58 -6.76 -10.26
CA PHE C 15 -42.73 -6.44 -11.40
C PHE C 15 -42.16 -7.70 -12.07
N VAL C 16 -42.17 -8.85 -11.39
CA VAL C 16 -41.63 -10.07 -11.96
C VAL C 16 -42.31 -10.38 -13.29
N GLU C 17 -43.58 -10.00 -13.45
CA GLU C 17 -44.33 -10.21 -14.68
C GLU C 17 -43.75 -9.42 -15.85
N MET C 18 -42.94 -8.42 -15.59
CA MET C 18 -42.38 -7.60 -16.66
C MET C 18 -40.91 -7.88 -16.91
N VAL C 19 -40.27 -8.69 -16.06
CA VAL C 19 -38.88 -9.05 -16.32
C VAL C 19 -38.79 -9.79 -17.64
N ASP C 20 -37.77 -9.44 -18.43
CA ASP C 20 -37.46 -10.13 -19.69
C ASP C 20 -38.56 -9.94 -20.74
N ASN C 21 -39.25 -8.80 -20.71
CA ASN C 21 -40.33 -8.54 -21.66
C ASN C 21 -39.83 -7.85 -22.93
N LEU C 22 -38.53 -7.66 -23.10
CA LEU C 22 -37.95 -7.03 -24.28
C LEU C 22 -37.20 -8.05 -25.12
N ARG C 23 -37.29 -7.89 -26.43
CA ARG C 23 -36.56 -8.72 -27.38
C ARG C 23 -35.99 -7.83 -28.45
N GLY C 24 -35.09 -8.38 -29.24
CA GLY C 24 -34.60 -7.66 -30.39
C GLY C 24 -33.62 -8.50 -31.18
N LYS C 25 -33.38 -8.04 -32.40
CA LYS C 25 -32.25 -8.51 -33.18
C LYS C 25 -31.09 -7.55 -32.95
N SER C 26 -29.88 -8.11 -32.96
CA SER C 26 -28.70 -7.30 -32.74
C SER C 26 -28.66 -6.12 -33.71
N GLY C 27 -28.50 -4.92 -33.17
CA GLY C 27 -28.43 -3.70 -33.95
C GLY C 27 -29.73 -3.16 -34.49
N GLN C 28 -30.85 -3.83 -34.25
CA GLN C 28 -32.12 -3.45 -34.85
C GLN C 28 -33.14 -2.95 -33.84
N GLY C 29 -32.75 -2.76 -32.59
CA GLY C 29 -33.62 -2.14 -31.59
C GLY C 29 -34.31 -3.15 -30.69
N TYR C 30 -34.60 -2.72 -29.45
CA TYR C 30 -35.37 -3.52 -28.49
C TYR C 30 -36.85 -3.22 -28.62
N TYR C 31 -37.67 -4.26 -28.59
CA TYR C 31 -39.11 -4.06 -28.74
C TYR C 31 -39.87 -4.78 -27.65
N VAL C 32 -41.05 -4.27 -27.38
CA VAL C 32 -41.97 -4.81 -26.40
C VAL C 32 -43.26 -5.16 -27.14
N GLU C 33 -43.92 -6.21 -26.68
CA GLU C 33 -45.18 -6.59 -27.29
C GLU C 33 -46.30 -5.69 -26.77
N MET C 34 -47.15 -5.24 -27.68
CA MET C 34 -48.32 -4.44 -27.32
C MET C 34 -49.49 -4.94 -28.13
N THR C 35 -50.69 -4.63 -27.66
CA THR C 35 -51.90 -4.85 -28.43
C THR C 35 -52.61 -3.53 -28.61
N VAL C 36 -53.19 -3.32 -29.79
CA VAL C 36 -53.96 -2.13 -30.07
C VAL C 36 -55.31 -2.55 -30.65
N GLY C 37 -56.38 -1.86 -30.24
CA GLY C 37 -57.69 -2.04 -30.85
C GLY C 37 -58.54 -3.11 -30.18
N SER C 38 -59.81 -3.14 -30.60
CA SER C 38 -60.79 -4.11 -30.13
C SER C 38 -61.38 -4.80 -31.34
N PRO C 39 -61.17 -6.11 -31.54
CA PRO C 39 -60.36 -7.01 -30.70
C PRO C 39 -58.86 -6.72 -30.78
N PRO C 40 -58.10 -7.12 -29.76
CA PRO C 40 -56.69 -6.71 -29.68
C PRO C 40 -55.88 -7.19 -30.89
N GLN C 41 -55.16 -6.26 -31.50
CA GLN C 41 -54.18 -6.60 -32.53
C GLN C 41 -52.78 -6.53 -31.94
N THR C 42 -52.04 -7.61 -32.07
CA THR C 42 -50.73 -7.74 -31.43
C THR C 42 -49.65 -7.21 -32.35
N LEU C 43 -48.78 -6.36 -31.79
CA LEU C 43 -47.66 -5.78 -32.52
C LEU C 43 -46.45 -5.70 -31.60
N ASN C 44 -45.26 -5.84 -32.19
CA ASN C 44 -44.01 -5.58 -31.49
C ASN C 44 -43.64 -4.13 -31.72
N ILE C 45 -43.31 -3.42 -30.64
CA ILE C 45 -43.15 -1.98 -30.67
C ILE C 45 -41.77 -1.62 -30.12
N LEU C 46 -40.99 -0.92 -30.93
CA LEU C 46 -39.66 -0.46 -30.51
C LEU C 46 -39.76 0.46 -29.29
N VAL C 47 -38.92 0.20 -28.29
CA VAL C 47 -38.87 1.00 -27.07
C VAL C 47 -37.88 2.15 -27.30
N ASP C 48 -38.38 3.38 -27.37
CA ASP C 48 -37.54 4.51 -27.78
C ASP C 48 -37.65 5.67 -26.79
N THR C 49 -36.66 5.82 -25.91
CA THR C 49 -36.63 6.99 -25.03
C THR C 49 -36.12 8.24 -25.75
N GLY C 50 -35.81 8.15 -27.04
CA GLY C 50 -35.36 9.29 -27.82
C GLY C 50 -36.41 9.96 -28.68
N SER C 51 -37.69 9.67 -28.47
CA SER C 51 -38.78 10.31 -29.20
C SER C 51 -40.04 10.20 -28.36
N SER C 52 -41.14 10.76 -28.87
CA SER C 52 -42.34 10.88 -28.05
C SER C 52 -43.63 10.51 -28.79
N ASN C 53 -43.55 9.97 -29.99
CA ASN C 53 -44.74 9.57 -30.74
C ASN C 53 -44.88 8.07 -30.68
N PHE C 54 -46.09 7.61 -30.39
CA PHE C 54 -46.47 6.22 -30.56
C PHE C 54 -47.04 6.07 -31.95
N ALA C 55 -46.40 5.24 -32.77
CA ALA C 55 -46.79 5.09 -34.17
C ALA C 55 -46.61 3.64 -34.54
N VAL C 56 -47.50 3.15 -35.40
CA VAL C 56 -47.49 1.75 -35.83
C VAL C 56 -47.73 1.70 -37.33
N GLY C 57 -47.06 0.77 -37.99
CA GLY C 57 -47.38 0.47 -39.37
C GLY C 57 -48.87 0.23 -39.51
N ALA C 58 -49.51 0.86 -40.49
CA ALA C 58 -50.95 0.71 -40.68
C ALA C 58 -51.30 0.44 -42.14
N ALA C 59 -50.31 0.06 -42.94
CA ALA C 59 -50.46 -0.26 -44.34
C ALA C 59 -49.39 -1.27 -44.69
N PRO C 60 -49.60 -2.08 -45.73
CA PRO C 60 -48.57 -3.06 -46.11
C PRO C 60 -47.26 -2.38 -46.46
N HIS C 61 -46.16 -3.09 -46.20
CA HIS C 61 -44.80 -2.63 -46.43
C HIS C 61 -43.94 -3.87 -46.59
N PRO C 62 -42.92 -3.85 -47.46
CA PRO C 62 -42.10 -5.06 -47.64
C PRO C 62 -41.47 -5.58 -46.35
N PHE C 63 -41.15 -4.74 -45.38
CA PHE C 63 -40.49 -5.19 -44.17
C PHE C 63 -41.45 -5.44 -43.01
N LEU C 64 -42.75 -5.26 -43.21
CA LEU C 64 -43.75 -5.55 -42.20
C LEU C 64 -44.42 -6.88 -42.52
N HIS C 65 -44.45 -7.78 -41.55
CA HIS C 65 -45.25 -9.00 -41.68
C HIS C 65 -46.65 -8.84 -41.13
N ARG C 66 -46.89 -7.82 -40.32
CA ARG C 66 -48.23 -7.51 -39.85
C ARG C 66 -48.29 -6.00 -39.63
N TYR C 67 -49.50 -5.47 -39.52
CA TYR C 67 -49.67 -4.04 -39.29
C TYR C 67 -51.04 -3.80 -38.69
N TYR C 68 -51.22 -2.58 -38.20
CA TYR C 68 -52.45 -2.16 -37.55
C TYR C 68 -53.54 -1.92 -38.58
N GLN C 69 -54.71 -2.54 -38.37
CA GLN C 69 -55.85 -2.42 -39.28
C GLN C 69 -56.96 -1.68 -38.57
N ARG C 70 -57.04 -0.37 -38.81
CA ARG C 70 -57.99 0.47 -38.08
C ARG C 70 -59.44 0.06 -38.37
N GLN C 71 -59.71 -0.41 -39.58
CA GLN C 71 -61.07 -0.80 -39.94
C GLN C 71 -61.57 -1.97 -39.11
N LEU C 72 -60.67 -2.79 -38.55
CA LEU C 72 -61.02 -3.97 -37.78
C LEU C 72 -61.21 -3.71 -36.30
N SER C 73 -60.99 -2.48 -35.84
CA SER C 73 -61.06 -2.15 -34.41
C SER C 73 -62.31 -1.32 -34.17
N SER C 74 -63.19 -1.81 -33.28
CA SER C 74 -64.40 -1.06 -32.99
C SER C 74 -64.14 0.15 -32.11
N THR C 75 -62.97 0.23 -31.45
CA THR C 75 -62.65 1.34 -30.56
C THR C 75 -61.78 2.39 -31.22
N TYR C 76 -61.42 2.21 -32.49
CA TYR C 76 -60.62 3.20 -33.19
C TYR C 76 -61.41 4.50 -33.36
N ARG C 77 -60.72 5.63 -33.16
CA ARG C 77 -61.31 6.93 -33.43
C ARG C 77 -60.34 7.72 -34.31
N ASP C 78 -60.85 8.29 -35.39
CA ASP C 78 -60.04 9.09 -36.30
C ASP C 78 -59.91 10.50 -35.75
N LEU C 79 -58.68 11.02 -35.69
CA LEU C 79 -58.49 12.42 -35.30
C LEU C 79 -58.50 13.37 -36.49
N ARG C 80 -58.56 12.84 -37.72
CA ARG C 80 -58.66 13.66 -38.93
C ARG C 80 -57.50 14.64 -39.03
N LYS C 81 -56.28 14.18 -38.70
CA LYS C 81 -55.13 15.05 -38.68
C LYS C 81 -53.89 14.27 -39.12
N GLY C 82 -53.08 14.89 -40.02
CA GLY C 82 -51.87 14.26 -40.49
C GLY C 82 -50.67 14.52 -39.58
N VAL C 83 -49.61 13.75 -39.78
CA VAL C 83 -48.41 13.88 -38.95
C VAL C 83 -47.25 13.20 -39.69
N TYR C 84 -46.06 13.76 -39.54
CA TYR C 84 -44.86 13.06 -39.99
C TYR C 84 -43.79 13.26 -38.93
N VAL C 85 -42.92 12.26 -38.79
CA VAL C 85 -41.82 12.33 -37.84
C VAL C 85 -40.53 11.99 -38.55
N PRO C 86 -39.57 12.92 -38.64
CA PRO C 86 -38.25 12.58 -39.17
C PRO C 86 -37.29 12.26 -38.03
N TYR C 87 -36.70 11.07 -38.05
CA TYR C 87 -35.66 10.75 -37.09
C TYR C 87 -34.31 11.13 -37.69
N THR C 88 -33.20 10.58 -37.17
CA THR C 88 -31.89 10.95 -37.69
C THR C 88 -31.79 10.65 -39.19
N GLN C 89 -32.23 9.48 -39.61
CA GLN C 89 -32.16 9.10 -41.01
C GLN C 89 -33.50 8.70 -41.60
N GLY C 90 -34.28 7.90 -40.91
CA GLY C 90 -35.58 7.49 -41.42
C GLY C 90 -36.70 8.46 -41.06
N LYS C 91 -37.85 8.26 -41.71
CA LYS C 91 -39.03 9.07 -41.40
C LYS C 91 -40.27 8.31 -41.83
N TRP C 92 -41.39 8.70 -41.25
CA TRP C 92 -42.68 8.16 -41.66
C TRP C 92 -43.70 9.28 -41.63
N GLU C 93 -44.80 9.08 -42.33
CA GLU C 93 -45.95 9.95 -42.20
C GLU C 93 -47.17 9.06 -42.02
N GLY C 94 -48.18 9.63 -41.38
CA GLY C 94 -49.37 8.85 -41.15
C GLY C 94 -50.52 9.70 -40.67
N GLU C 95 -51.52 9.01 -40.12
CA GLU C 95 -52.78 9.60 -39.75
C GLU C 95 -52.99 9.43 -38.26
N LEU C 96 -53.33 10.52 -37.58
CA LEU C 96 -53.56 10.46 -36.14
C LEU C 96 -54.93 9.91 -35.82
N GLY C 97 -54.98 9.11 -34.76
CA GLY C 97 -56.22 8.60 -34.22
C GLY C 97 -55.93 8.17 -32.79
N THR C 98 -56.97 7.68 -32.12
CA THR C 98 -56.82 7.07 -30.81
C THR C 98 -57.40 5.66 -30.82
N ASP C 99 -56.94 4.84 -29.88
CA ASP C 99 -57.47 3.48 -29.72
C ASP C 99 -57.06 2.98 -28.35
N LEU C 100 -57.63 1.83 -27.98
CA LEU C 100 -57.26 1.17 -26.74
C LEU C 100 -55.94 0.43 -26.95
N VAL C 101 -55.07 0.51 -25.95
CA VAL C 101 -53.74 -0.08 -26.02
C VAL C 101 -53.47 -0.85 -24.74
N SER C 102 -52.83 -2.01 -24.87
CA SER C 102 -52.40 -2.80 -23.72
C SER C 102 -50.99 -3.31 -23.95
N ILE C 103 -50.33 -3.68 -22.85
CA ILE C 103 -49.00 -4.28 -22.87
C ILE C 103 -49.10 -5.63 -22.17
N PRO C 104 -49.19 -6.74 -22.94
CA PRO C 104 -49.36 -8.06 -22.33
C PRO C 104 -48.38 -8.41 -21.21
N HIS C 105 -47.08 -8.19 -21.40
CA HIS C 105 -46.12 -8.38 -20.30
C HIS C 105 -45.79 -7.06 -19.64
N GLY C 106 -46.82 -6.29 -19.33
CA GLY C 106 -46.70 -5.03 -18.65
C GLY C 106 -47.75 -4.98 -17.57
N PRO C 107 -48.10 -3.80 -17.10
CA PRO C 107 -49.17 -3.72 -16.10
C PRO C 107 -50.51 -4.11 -16.70
N ASN C 108 -51.39 -4.60 -15.83
CA ASN C 108 -52.68 -5.13 -16.24
C ASN C 108 -53.66 -3.96 -16.37
N VAL C 109 -53.46 -3.17 -17.43
CA VAL C 109 -54.29 -2.00 -17.69
C VAL C 109 -54.52 -1.85 -19.20
N THR C 110 -55.51 -1.02 -19.53
CA THR C 110 -55.83 -0.65 -20.89
C THR C 110 -56.03 0.85 -20.93
N VAL C 111 -55.38 1.52 -21.90
CA VAL C 111 -55.43 2.98 -21.99
C VAL C 111 -55.87 3.38 -23.40
N ARG C 112 -56.59 4.50 -23.48
CA ARG C 112 -56.86 5.12 -24.76
C ARG C 112 -55.71 6.07 -25.05
N ALA C 113 -54.97 5.79 -26.12
CA ALA C 113 -53.74 6.52 -26.42
C ALA C 113 -53.80 7.08 -27.83
N ASN C 114 -53.08 8.18 -28.02
CA ASN C 114 -52.81 8.65 -29.37
C ASN C 114 -51.98 7.62 -30.11
N ILE C 115 -52.37 7.32 -31.36
CA ILE C 115 -51.64 6.40 -32.21
C ILE C 115 -51.49 7.05 -33.59
N ALA C 116 -50.27 7.13 -34.08
CA ALA C 116 -50.08 7.54 -35.46
C ALA C 116 -50.09 6.28 -36.32
N ALA C 117 -51.05 6.21 -37.24
CA ALA C 117 -51.15 5.12 -38.19
C ALA C 117 -50.21 5.42 -39.37
N ILE C 118 -49.10 4.70 -39.45
CA ILE C 118 -48.08 4.97 -40.47
C ILE C 118 -48.58 4.47 -41.82
N THR C 119 -48.69 5.38 -42.78
CA THR C 119 -49.15 5.01 -44.10
C THR C 119 -48.05 5.05 -45.15
N GLU C 120 -47.01 5.85 -44.93
CA GLU C 120 -45.85 5.92 -45.79
C GLU C 120 -44.62 6.09 -44.92
N SER C 121 -43.48 5.64 -45.43
CA SER C 121 -42.27 5.70 -44.64
C SER C 121 -41.10 5.64 -45.59
N ASP C 122 -39.96 6.15 -45.15
CA ASP C 122 -38.74 6.13 -45.94
C ASP C 122 -37.60 5.79 -45.00
N LYS C 123 -37.00 4.62 -45.21
CA LYS C 123 -35.88 4.13 -44.41
C LYS C 123 -36.22 4.09 -42.92
N PHE C 124 -37.48 3.84 -42.58
CA PHE C 124 -37.87 3.74 -41.18
C PHE C 124 -37.90 2.29 -40.69
N PHE C 125 -38.77 1.46 -41.26
CA PHE C 125 -38.82 0.05 -40.88
C PHE C 125 -37.53 -0.64 -41.31
N ILE C 126 -37.13 -1.64 -40.52
CA ILE C 126 -35.88 -2.37 -40.71
C ILE C 126 -36.21 -3.80 -41.12
N ASN C 127 -35.58 -4.25 -42.20
CA ASN C 127 -35.81 -5.61 -42.68
C ASN C 127 -35.32 -6.61 -41.66
N GLY C 128 -36.22 -7.44 -41.13
CA GLY C 128 -35.89 -8.46 -40.14
C GLY C 128 -35.91 -8.02 -38.69
N SER C 129 -36.28 -6.76 -38.41
CA SER C 129 -36.21 -6.25 -37.05
C SER C 129 -37.23 -6.90 -36.14
N ASN C 130 -38.33 -7.38 -36.72
CA ASN C 130 -39.44 -8.04 -36.04
C ASN C 130 -40.28 -7.05 -35.23
N TRP C 131 -40.08 -5.73 -35.37
CA TRP C 131 -41.00 -4.77 -34.80
C TRP C 131 -41.72 -4.00 -35.91
N GLU C 132 -42.95 -3.59 -35.61
CA GLU C 132 -43.83 -2.95 -36.57
C GLU C 132 -44.24 -1.55 -36.16
N GLY C 133 -43.73 -1.04 -35.04
CA GLY C 133 -44.11 0.28 -34.59
C GLY C 133 -43.09 0.76 -33.59
N ILE C 134 -43.30 1.99 -33.11
CA ILE C 134 -42.34 2.64 -32.24
C ILE C 134 -43.10 3.29 -31.09
N LEU C 135 -42.55 3.14 -29.89
CA LEU C 135 -43.12 3.70 -28.67
C LEU C 135 -42.16 4.79 -28.18
N GLY C 136 -42.46 6.03 -28.53
CA GLY C 136 -41.70 7.16 -28.04
C GLY C 136 -42.03 7.46 -26.59
N LEU C 137 -41.02 7.31 -25.73
CA LEU C 137 -41.21 7.41 -24.28
C LEU C 137 -40.80 8.76 -23.71
N ALA C 138 -40.31 9.69 -24.54
CA ALA C 138 -39.90 11.00 -24.06
C ALA C 138 -41.13 11.89 -23.90
N TYR C 139 -40.92 13.20 -23.73
CA TYR C 139 -41.96 14.10 -23.28
C TYR C 139 -42.63 14.82 -24.44
N ALA C 140 -43.78 15.42 -24.13
CA ALA C 140 -44.63 16.03 -25.15
C ALA C 140 -43.92 17.11 -25.94
N GLU C 141 -42.94 17.79 -25.34
CA GLU C 141 -42.29 18.91 -26.00
C GLU C 141 -41.75 18.56 -27.38
N ILE C 142 -41.33 17.31 -27.60
CA ILE C 142 -40.76 16.91 -28.89
C ILE C 142 -41.72 16.02 -29.67
N ALA C 143 -42.97 15.93 -29.25
CA ALA C 143 -43.95 15.17 -30.00
C ALA C 143 -44.34 15.95 -31.27
N ARG C 144 -44.61 15.21 -32.32
CA ARG C 144 -45.20 15.81 -33.52
C ARG C 144 -46.68 15.44 -33.60
N PRO C 145 -47.53 16.31 -34.17
CA PRO C 145 -47.16 17.59 -34.78
C PRO C 145 -46.77 18.70 -33.80
N ASP C 146 -47.21 18.61 -32.55
CA ASP C 146 -46.89 19.62 -31.55
C ASP C 146 -47.08 19.02 -30.17
N ASP C 147 -46.78 19.81 -29.14
CA ASP C 147 -46.75 19.24 -27.79
C ASP C 147 -48.14 19.02 -27.20
N SER C 148 -49.21 19.29 -27.95
CA SER C 148 -50.52 18.91 -27.43
C SER C 148 -50.86 17.45 -27.71
N LEU C 149 -50.09 16.75 -28.54
CA LEU C 149 -50.32 15.33 -28.73
C LEU C 149 -49.72 14.56 -27.56
N GLU C 150 -50.56 14.19 -26.61
CA GLU C 150 -50.12 13.51 -25.40
C GLU C 150 -49.40 12.20 -25.74
N PRO C 151 -48.14 12.04 -25.31
CA PRO C 151 -47.42 10.78 -25.55
C PRO C 151 -48.05 9.64 -24.77
N PHE C 152 -47.73 8.41 -25.20
CA PHE C 152 -48.34 7.22 -24.59
C PHE C 152 -48.16 7.17 -23.07
N PHE C 153 -46.92 7.36 -22.59
CA PHE C 153 -46.70 7.14 -21.17
C PHE C 153 -47.45 8.16 -20.34
N ASP C 154 -47.60 9.39 -20.85
CA ASP C 154 -48.43 10.37 -20.16
C ASP C 154 -49.88 9.89 -20.10
N SER C 155 -50.40 9.34 -21.20
CA SER C 155 -51.75 8.78 -21.19
C SER C 155 -51.85 7.65 -20.17
N LEU C 156 -50.87 6.75 -20.16
CA LEU C 156 -50.85 5.64 -19.20
C LEU C 156 -50.93 6.16 -17.77
N VAL C 157 -50.12 7.14 -17.42
CA VAL C 157 -50.07 7.63 -16.04
C VAL C 157 -51.35 8.37 -15.68
N LYS C 158 -51.94 9.10 -16.64
CA LYS C 158 -53.17 9.87 -16.36
C LYS C 158 -54.37 8.95 -16.14
N GLN C 159 -54.49 7.89 -16.94
CA GLN C 159 -55.68 7.05 -16.95
C GLN C 159 -55.64 5.88 -15.97
N THR C 160 -54.49 5.57 -15.38
CA THR C 160 -54.39 4.41 -14.50
C THR C 160 -53.65 4.83 -13.23
N HIS C 161 -53.42 3.84 -12.35
CA HIS C 161 -52.67 4.05 -11.13
C HIS C 161 -51.19 3.71 -11.29
N VAL C 162 -50.73 3.44 -12.51
CA VAL C 162 -49.33 3.15 -12.77
C VAL C 162 -48.48 4.34 -12.34
N PRO C 163 -47.51 4.16 -11.44
CA PRO C 163 -46.65 5.28 -11.06
C PRO C 163 -45.88 5.83 -12.24
N ASN C 164 -45.48 7.10 -12.12
CA ASN C 164 -44.88 7.85 -13.21
C ASN C 164 -43.38 7.61 -13.26
N LEU C 165 -43.01 6.36 -13.57
CA LEU C 165 -41.63 6.04 -13.84
C LEU C 165 -41.56 4.68 -14.52
N PHE C 166 -40.47 4.45 -15.23
CA PHE C 166 -40.19 3.15 -15.81
C PHE C 166 -38.68 2.97 -15.79
N SER C 167 -38.24 1.73 -15.95
CA SER C 167 -36.82 1.44 -15.98
C SER C 167 -36.51 0.43 -17.07
N LEU C 168 -35.30 0.54 -17.61
CA LEU C 168 -34.88 -0.28 -18.73
C LEU C 168 -33.61 -1.02 -18.35
N GLN C 169 -33.64 -2.34 -18.50
CA GLN C 169 -32.46 -3.17 -18.41
C GLN C 169 -32.23 -3.76 -19.79
N LEU C 170 -31.33 -3.16 -20.57
CA LEU C 170 -31.04 -3.66 -21.91
C LEU C 170 -29.85 -4.60 -21.81
N CYS C 171 -30.04 -5.84 -22.22
CA CYS C 171 -28.96 -6.82 -22.16
C CYS C 171 -28.41 -7.02 -23.56
N GLY C 172 -27.09 -7.02 -23.68
CA GLY C 172 -26.45 -7.20 -24.97
C GLY C 172 -26.61 -8.63 -25.47
N ALA C 173 -25.61 -9.12 -26.18
CA ALA C 173 -25.64 -10.48 -26.69
C ALA C 173 -24.87 -11.41 -25.74
N GLY C 174 -25.21 -12.70 -25.81
CA GLY C 174 -24.56 -13.71 -25.01
C GLY C 174 -25.31 -14.14 -23.77
N PHE C 175 -26.47 -13.55 -23.48
CA PHE C 175 -27.23 -13.85 -22.29
C PHE C 175 -28.39 -14.79 -22.62
N PRO C 176 -28.90 -15.55 -21.63
CA PRO C 176 -29.99 -16.51 -21.87
C PRO C 176 -31.28 -15.85 -22.34
N ALA C 184 -34.81 -12.11 -30.69
CA ALA C 184 -34.25 -13.40 -31.04
C ALA C 184 -32.74 -13.47 -30.75
N SER C 185 -32.13 -12.31 -30.54
CA SER C 185 -30.68 -12.23 -30.32
C SER C 185 -30.36 -11.44 -29.05
N VAL C 186 -31.17 -10.43 -28.71
CA VAL C 186 -30.97 -9.67 -27.48
C VAL C 186 -32.27 -9.64 -26.70
N GLY C 187 -32.16 -9.33 -25.41
CA GLY C 187 -33.31 -9.26 -24.55
C GLY C 187 -33.09 -8.20 -23.49
N GLY C 188 -34.11 -8.01 -22.67
CA GLY C 188 -34.04 -7.06 -21.58
C GLY C 188 -35.39 -6.94 -20.92
N SER C 189 -35.50 -5.94 -20.03
CA SER C 189 -36.72 -5.72 -19.26
C SER C 189 -37.11 -4.25 -19.33
N MET C 190 -38.39 -3.98 -19.54
CA MET C 190 -38.93 -2.67 -19.33
C MET C 190 -39.92 -2.80 -18.18
N ILE C 191 -39.51 -2.32 -17.02
CA ILE C 191 -40.35 -2.36 -15.82
C ILE C 191 -41.16 -1.08 -15.84
N ILE C 192 -42.46 -1.23 -16.08
CA ILE C 192 -43.37 -0.09 -16.22
C ILE C 192 -43.97 0.19 -14.84
N GLY C 193 -43.66 1.36 -14.28
CA GLY C 193 -44.22 1.75 -13.01
C GLY C 193 -43.35 1.48 -11.80
N GLY C 194 -42.11 1.08 -11.98
CA GLY C 194 -41.32 0.79 -10.81
C GLY C 194 -39.91 0.33 -11.14
N ILE C 195 -39.27 -0.12 -10.08
CA ILE C 195 -37.88 -0.55 -10.06
C ILE C 195 -37.87 -1.99 -9.57
N ASP C 196 -37.22 -2.89 -10.30
CA ASP C 196 -37.12 -4.29 -9.90
C ASP C 196 -35.71 -4.52 -9.38
N HIS C 197 -35.60 -4.80 -8.08
CA HIS C 197 -34.30 -4.81 -7.42
C HIS C 197 -33.45 -6.03 -7.80
N SER C 198 -34.05 -7.08 -8.35
CA SER C 198 -33.23 -8.19 -8.80
C SER C 198 -32.53 -7.92 -10.12
N LEU C 199 -32.79 -6.79 -10.76
CA LEU C 199 -32.20 -6.49 -12.06
C LEU C 199 -30.90 -5.70 -11.95
N TYR C 200 -30.46 -5.37 -10.76
CA TYR C 200 -29.24 -4.59 -10.65
C TYR C 200 -28.51 -4.97 -9.37
N THR C 201 -27.22 -4.63 -9.32
CA THR C 201 -26.42 -4.79 -8.13
C THR C 201 -25.89 -3.43 -7.71
N GLY C 202 -25.49 -3.33 -6.44
CA GLY C 202 -24.99 -2.07 -5.91
C GLY C 202 -26.11 -1.04 -5.79
N SER C 203 -25.70 0.22 -5.73
CA SER C 203 -26.63 1.32 -5.53
C SER C 203 -27.03 1.98 -6.84
N LEU C 204 -28.25 2.51 -6.85
CA LEU C 204 -28.70 3.44 -7.89
C LEU C 204 -28.19 4.85 -7.60
N TRP C 205 -27.59 5.48 -8.60
CA TRP C 205 -27.13 6.86 -8.56
C TRP C 205 -27.98 7.69 -9.51
N TYR C 206 -28.44 8.85 -9.05
CA TYR C 206 -29.38 9.67 -9.80
C TYR C 206 -28.76 10.97 -10.29
N THR C 207 -29.11 11.33 -11.51
CA THR C 207 -28.75 12.58 -12.15
C THR C 207 -30.03 13.30 -12.55
N PRO C 208 -30.09 14.62 -12.40
CA PRO C 208 -31.32 15.35 -12.75
C PRO C 208 -31.62 15.27 -14.24
N ILE C 209 -32.91 15.16 -14.54
CA ILE C 209 -33.39 15.46 -15.88
C ILE C 209 -33.40 16.99 -16.00
N ARG C 210 -32.60 17.52 -16.91
CA ARG C 210 -32.45 18.96 -16.96
C ARG C 210 -33.73 19.64 -17.41
N ARG C 211 -34.40 19.06 -18.40
CA ARG C 211 -35.59 19.63 -19.02
C ARG C 211 -36.38 18.47 -19.58
N GLU C 212 -37.71 18.51 -19.44
CA GLU C 212 -38.54 17.41 -19.88
C GLU C 212 -38.86 17.60 -21.36
N TRP C 213 -37.95 17.13 -22.21
CA TRP C 213 -38.24 17.03 -23.64
C TRP C 213 -37.66 15.72 -24.14
N TYR C 214 -36.40 15.71 -24.55
CA TYR C 214 -35.63 14.49 -24.41
C TYR C 214 -35.39 14.21 -22.92
N TYR C 215 -34.87 13.02 -22.63
CA TYR C 215 -34.32 12.74 -21.30
C TYR C 215 -32.93 13.35 -21.27
N GLU C 216 -32.90 14.66 -21.06
CA GLU C 216 -31.67 15.44 -21.10
C GLU C 216 -30.98 15.40 -19.75
N VAL C 217 -29.68 15.12 -19.76
CA VAL C 217 -28.86 15.09 -18.56
C VAL C 217 -27.61 15.92 -18.85
N ILE C 218 -26.78 16.07 -17.82
CA ILE C 218 -25.56 16.86 -17.91
C ILE C 218 -24.36 16.00 -17.58
N ILE C 219 -23.43 15.90 -18.53
CA ILE C 219 -22.14 15.27 -18.35
C ILE C 219 -21.16 16.31 -17.81
N VAL C 220 -20.51 16.02 -16.69
CA VAL C 220 -19.67 17.01 -16.01
C VAL C 220 -18.19 16.70 -16.11
N ARG C 221 -17.81 15.51 -16.60
CA ARG C 221 -16.43 15.11 -16.72
C ARG C 221 -16.39 13.88 -17.62
N VAL C 222 -15.31 13.75 -18.40
CA VAL C 222 -15.08 12.56 -19.20
C VAL C 222 -13.62 12.17 -19.00
N GLU C 223 -13.39 10.90 -18.69
CA GLU C 223 -12.05 10.35 -18.53
C GLU C 223 -11.93 9.15 -19.44
N ILE C 224 -10.73 8.95 -19.96
CA ILE C 224 -10.39 7.77 -20.74
C ILE C 224 -9.17 7.13 -20.10
N ASN C 225 -9.32 5.88 -19.67
CA ASN C 225 -8.32 5.19 -18.85
C ASN C 225 -7.86 6.06 -17.68
N GLY C 226 -8.81 6.76 -17.05
CA GLY C 226 -8.49 7.56 -15.90
C GLY C 226 -7.88 8.92 -16.17
N GLN C 227 -7.76 9.31 -17.44
CA GLN C 227 -7.14 10.56 -17.85
C GLN C 227 -8.26 11.51 -18.23
N ASP C 228 -8.35 12.66 -17.58
CA ASP C 228 -9.41 13.62 -17.88
C ASP C 228 -9.24 14.15 -19.30
N LEU C 229 -10.31 14.16 -20.09
CA LEU C 229 -10.19 14.75 -21.43
C LEU C 229 -9.92 16.24 -21.36
N LYS C 230 -10.16 16.86 -20.21
CA LYS C 230 -9.75 18.25 -19.94
C LYS C 230 -10.37 19.21 -20.97
N MET C 231 -11.63 19.01 -21.28
CA MET C 231 -12.34 19.97 -22.11
C MET C 231 -13.26 20.80 -21.24
N ASP C 232 -13.59 21.99 -21.72
CA ASP C 232 -14.69 22.74 -21.14
C ASP C 232 -15.92 21.85 -21.12
N CYS C 233 -16.48 21.61 -19.93
CA CYS C 233 -17.55 20.62 -19.84
C CYS C 233 -18.78 21.03 -20.64
N LYS C 234 -18.92 22.31 -21.01
CA LYS C 234 -20.01 22.68 -21.92
C LYS C 234 -19.90 21.95 -23.26
N GLU C 235 -18.67 21.63 -23.70
CA GLU C 235 -18.50 20.87 -24.93
C GLU C 235 -19.14 19.50 -24.85
N TYR C 236 -19.15 18.89 -23.65
CA TYR C 236 -19.76 17.57 -23.52
C TYR C 236 -21.26 17.61 -23.73
N ASN C 237 -21.88 18.77 -23.50
CA ASN C 237 -23.33 18.89 -23.54
C ASN C 237 -23.77 19.87 -24.63
N TYR C 238 -22.98 19.97 -25.70
CA TYR C 238 -23.24 20.89 -26.80
C TYR C 238 -23.87 20.11 -27.95
N ASP C 239 -25.14 20.35 -28.24
CA ASP C 239 -26.00 21.34 -27.58
C ASP C 239 -26.94 20.76 -26.53
N LYS C 240 -26.82 19.44 -26.32
CA LYS C 240 -27.54 18.74 -25.27
C LYS C 240 -26.87 17.39 -25.08
N SER C 241 -27.19 16.74 -23.95
CA SER C 241 -26.84 15.34 -23.75
C SER C 241 -28.09 14.59 -23.34
N ILE C 242 -28.35 13.43 -23.98
CA ILE C 242 -29.60 12.70 -23.78
C ILE C 242 -29.35 11.20 -23.65
N VAL C 243 -30.32 10.51 -23.07
CA VAL C 243 -30.35 9.06 -22.95
C VAL C 243 -31.39 8.55 -23.95
N ASP C 244 -30.94 7.73 -24.91
CA ASP C 244 -31.75 7.39 -26.08
C ASP C 244 -31.66 5.90 -26.36
N SER C 245 -32.62 5.13 -25.87
CA SER C 245 -32.63 3.70 -26.14
C SER C 245 -32.91 3.39 -27.61
N GLY C 246 -33.39 4.36 -28.38
CA GLY C 246 -33.64 4.11 -29.79
C GLY C 246 -32.45 4.29 -30.70
N THR C 247 -31.31 4.68 -30.16
CA THR C 247 -30.08 4.85 -30.94
C THR C 247 -29.02 3.88 -30.41
N THR C 248 -28.33 3.21 -31.34
CA THR C 248 -27.34 2.21 -30.92
C THR C 248 -26.10 2.84 -30.29
N ASN C 249 -25.47 3.78 -31.00
CA ASN C 249 -24.13 4.21 -30.66
C ASN C 249 -24.12 5.21 -29.51
N LEU C 250 -22.96 5.32 -28.87
CA LEU C 250 -22.60 6.56 -28.19
C LEU C 250 -22.24 7.59 -29.25
N ARG C 251 -22.96 8.70 -29.27
CA ARG C 251 -22.69 9.75 -30.23
C ARG C 251 -22.20 10.97 -29.46
N LEU C 252 -21.10 11.57 -29.92
CA LEU C 252 -20.40 12.64 -29.23
C LEU C 252 -20.30 13.87 -30.11
N PRO C 253 -20.45 15.07 -29.54
CA PRO C 253 -20.21 16.30 -30.33
C PRO C 253 -18.84 16.24 -30.97
N LYS C 254 -18.74 16.83 -32.16
CA LYS C 254 -17.53 16.80 -32.98
C LYS C 254 -16.27 16.97 -32.15
N LYS C 255 -16.20 18.05 -31.37
CA LYS C 255 -14.97 18.35 -30.64
C LYS C 255 -14.65 17.23 -29.64
N VAL C 256 -15.68 16.69 -28.99
CA VAL C 256 -15.48 15.61 -28.02
C VAL C 256 -15.11 14.32 -28.72
N PHE C 257 -15.78 14.00 -29.83
CA PHE C 257 -15.45 12.81 -30.60
C PHE C 257 -13.98 12.78 -30.99
N GLU C 258 -13.47 13.91 -31.49
CA GLU C 258 -12.09 13.97 -31.95
C GLU C 258 -11.12 13.76 -30.78
N ALA C 259 -11.35 14.44 -29.66
CA ALA C 259 -10.49 14.22 -28.50
C ALA C 259 -10.56 12.76 -28.03
N ALA C 260 -11.76 12.17 -28.05
CA ALA C 260 -11.90 10.80 -27.55
C ALA C 260 -11.23 9.80 -28.49
N VAL C 261 -11.46 9.95 -29.80
CA VAL C 261 -10.82 9.07 -30.77
C VAL C 261 -9.31 9.19 -30.69
N LYS C 262 -8.81 10.42 -30.60
CA LYS C 262 -7.37 10.63 -30.46
C LYS C 262 -6.82 9.88 -29.25
N SER C 263 -7.55 9.89 -28.13
CA SER C 263 -7.07 9.16 -26.96
C SER C 263 -7.22 7.65 -27.12
N ILE C 264 -8.30 7.21 -27.76
CA ILE C 264 -8.49 5.77 -27.96
C ILE C 264 -7.49 5.23 -28.97
N LYS C 265 -7.22 6.00 -30.04
CA LYS C 265 -6.17 5.60 -30.99
C LYS C 265 -4.82 5.48 -30.29
N ALA C 266 -4.47 6.50 -29.48
CA ALA C 266 -3.20 6.49 -28.79
C ALA C 266 -3.06 5.25 -27.90
N ALA C 267 -4.13 4.88 -27.20
CA ALA C 267 -4.07 3.74 -26.30
C ALA C 267 -3.93 2.41 -27.04
N SER C 268 -4.46 2.33 -28.27
CA SER C 268 -4.46 1.11 -29.04
C SER C 268 -3.44 1.14 -30.19
N SER C 269 -2.48 2.06 -30.13
CA SER C 269 -1.54 2.27 -31.23
C SER C 269 -0.65 1.06 -31.51
N THR C 270 -0.52 0.11 -30.56
CA THR C 270 0.25 -1.10 -30.86
C THR C 270 -0.35 -1.88 -32.01
N GLU C 271 -1.64 -1.73 -32.29
CA GLU C 271 -2.25 -2.33 -33.46
C GLU C 271 -2.67 -1.27 -34.47
N LYS C 272 -2.82 -1.69 -35.72
CA LYS C 272 -3.17 -0.77 -36.79
C LYS C 272 -4.57 -1.09 -37.32
N PHE C 273 -5.30 -0.04 -37.66
CA PHE C 273 -6.65 -0.16 -38.16
C PHE C 273 -6.78 0.64 -39.44
N PRO C 274 -7.70 0.27 -40.33
CA PRO C 274 -8.10 1.21 -41.39
C PRO C 274 -8.74 2.44 -40.75
N ASP C 275 -8.54 3.60 -41.37
CA ASP C 275 -9.14 4.81 -40.79
C ASP C 275 -10.65 4.85 -40.99
N GLY C 276 -11.19 4.13 -41.96
CA GLY C 276 -12.64 3.99 -42.02
C GLY C 276 -13.21 3.25 -40.83
N PHE C 277 -12.36 2.57 -40.05
CA PHE C 277 -12.81 1.93 -38.83
C PHE C 277 -13.23 2.98 -37.80
N TRP C 278 -12.42 4.02 -37.61
CA TRP C 278 -12.76 5.06 -36.64
C TRP C 278 -13.97 5.89 -37.07
N LEU C 279 -14.33 5.84 -38.35
CA LEU C 279 -15.55 6.48 -38.81
C LEU C 279 -16.75 5.57 -38.77
N GLY C 280 -16.58 4.32 -38.36
CA GLY C 280 -17.70 3.39 -38.24
C GLY C 280 -18.03 2.61 -39.49
N GLU C 281 -17.22 2.72 -40.55
CA GLU C 281 -17.51 2.05 -41.82
C GLU C 281 -16.90 0.64 -41.88
N GLN C 282 -15.56 0.57 -41.88
CA GLN C 282 -14.86 -0.71 -41.95
C GLN C 282 -14.81 -1.42 -40.61
N LEU C 283 -15.02 -2.73 -40.63
CA LEU C 283 -14.86 -3.54 -39.42
C LEU C 283 -13.43 -4.08 -39.34
N VAL C 284 -12.95 -4.23 -38.11
CA VAL C 284 -11.61 -4.77 -37.84
C VAL C 284 -11.78 -6.19 -37.32
N CYS C 285 -10.85 -7.06 -37.67
CA CYS C 285 -10.94 -8.46 -37.27
C CYS C 285 -9.63 -8.95 -36.64
N TRP C 286 -9.79 -9.94 -35.77
CA TRP C 286 -8.68 -10.67 -35.20
C TRP C 286 -9.02 -12.15 -35.22
N GLN C 287 -7.97 -12.98 -35.16
CA GLN C 287 -8.18 -14.41 -35.07
C GLN C 287 -9.02 -14.73 -33.84
N ALA C 288 -10.06 -15.55 -34.03
CA ALA C 288 -11.07 -15.83 -33.02
C ALA C 288 -10.47 -16.09 -31.64
N GLY C 289 -10.71 -15.20 -30.70
CA GLY C 289 -10.22 -15.34 -29.35
C GLY C 289 -8.99 -14.53 -29.02
N THR C 290 -8.41 -13.85 -30.01
CA THR C 290 -7.23 -13.03 -29.76
C THR C 290 -7.55 -11.54 -29.76
N THR C 291 -8.83 -11.16 -29.66
CA THR C 291 -9.17 -9.75 -29.59
C THR C 291 -8.39 -9.12 -28.45
N PRO C 292 -7.58 -8.11 -28.73
CA PRO C 292 -6.75 -7.50 -27.67
C PRO C 292 -7.53 -6.46 -26.87
N TRP C 293 -8.55 -6.92 -26.14
CA TRP C 293 -9.40 -6.01 -25.36
C TRP C 293 -8.57 -5.08 -24.48
N ASN C 294 -7.46 -5.59 -23.96
CA ASN C 294 -6.69 -4.84 -22.97
C ASN C 294 -6.13 -3.55 -23.54
N ILE C 295 -5.97 -3.42 -24.85
CA ILE C 295 -5.36 -2.21 -25.39
C ILE C 295 -6.38 -1.11 -25.65
N PHE C 296 -7.66 -1.39 -25.53
CA PHE C 296 -8.69 -0.38 -25.67
C PHE C 296 -9.09 0.14 -24.30
N PRO C 297 -9.17 1.46 -24.14
CA PRO C 297 -9.39 2.04 -22.82
C PRO C 297 -10.84 1.96 -22.35
N VAL C 298 -11.02 2.14 -21.06
CA VAL C 298 -12.35 2.33 -20.51
C VAL C 298 -12.67 3.82 -20.61
N ILE C 299 -13.93 4.12 -20.86
CA ILE C 299 -14.44 5.49 -20.92
C ILE C 299 -15.36 5.69 -19.72
N SER C 300 -15.11 6.75 -18.97
CA SER C 300 -15.90 7.13 -17.82
C SER C 300 -16.65 8.40 -18.14
N LEU C 301 -17.98 8.35 -18.10
CA LEU C 301 -18.84 9.52 -18.21
C LEU C 301 -19.32 9.86 -16.81
N TYR C 302 -18.98 11.06 -16.34
CA TYR C 302 -19.47 11.51 -15.06
C TYR C 302 -20.77 12.28 -15.28
N LEU C 303 -21.82 11.88 -14.56
CA LEU C 303 -23.09 12.56 -14.63
C LEU C 303 -23.27 13.42 -13.39
N MET C 304 -23.83 14.61 -13.59
CA MET C 304 -24.07 15.52 -12.49
C MET C 304 -25.00 14.89 -11.47
N GLY C 305 -24.67 15.02 -10.17
CA GLY C 305 -25.60 14.43 -9.23
C GLY C 305 -26.73 15.39 -8.93
N GLU C 306 -27.70 14.91 -8.17
CA GLU C 306 -28.79 15.80 -7.78
C GLU C 306 -28.28 16.82 -6.78
N VAL C 307 -27.24 16.44 -6.04
CA VAL C 307 -26.36 17.34 -5.30
C VAL C 307 -24.99 17.14 -5.94
N THR C 308 -24.28 18.25 -6.20
CA THR C 308 -23.08 18.12 -7.03
C THR C 308 -21.88 17.53 -6.32
N ASN C 309 -21.96 17.21 -5.03
CA ASN C 309 -20.91 16.37 -4.45
C ASN C 309 -21.37 14.92 -4.33
N GLN C 310 -22.45 14.56 -5.06
CA GLN C 310 -22.94 13.20 -5.22
C GLN C 310 -23.05 12.85 -6.70
N SER C 311 -22.22 13.48 -7.51
CA SER C 311 -22.15 13.07 -8.90
C SER C 311 -21.55 11.67 -8.94
N PHE C 312 -21.62 11.05 -10.11
CA PHE C 312 -21.14 9.70 -10.24
C PHE C 312 -20.60 9.50 -11.64
N ARG C 313 -19.90 8.39 -11.83
CA ARG C 313 -19.40 8.06 -13.15
C ARG C 313 -19.96 6.71 -13.54
N ILE C 314 -20.20 6.55 -14.82
CA ILE C 314 -20.48 5.24 -15.39
C ILE C 314 -19.33 4.91 -16.30
N THR C 315 -18.88 3.68 -16.23
CA THR C 315 -17.67 3.25 -16.92
C THR C 315 -18.05 2.27 -18.01
N ILE C 316 -17.56 2.55 -19.22
CA ILE C 316 -17.88 1.84 -20.45
C ILE C 316 -16.67 1.00 -20.81
N LEU C 317 -16.87 -0.28 -21.02
CA LEU C 317 -15.77 -1.13 -21.45
C LEU C 317 -15.67 -1.15 -22.97
N PRO C 318 -14.49 -1.48 -23.51
CA PRO C 318 -14.39 -1.60 -24.97
C PRO C 318 -15.33 -2.62 -25.56
N GLN C 319 -15.70 -3.66 -24.81
CA GLN C 319 -16.68 -4.62 -25.32
C GLN C 319 -18.02 -3.97 -25.59
N GLN C 320 -18.26 -2.76 -25.07
CA GLN C 320 -19.49 -2.04 -25.37
C GLN C 320 -19.35 -1.13 -26.58
N TYR C 321 -18.21 -0.50 -26.80
CA TYR C 321 -18.10 0.39 -27.96
C TYR C 321 -17.40 -0.24 -29.16
N LEU C 322 -16.98 -1.51 -29.07
CA LEU C 322 -16.53 -2.29 -30.23
C LEU C 322 -17.60 -3.34 -30.48
N ARG C 323 -18.50 -3.07 -31.44
CA ARG C 323 -19.67 -3.93 -31.60
C ARG C 323 -19.36 -5.10 -32.52
N PRO C 324 -19.66 -6.32 -32.09
CA PRO C 324 -19.41 -7.48 -32.95
C PRO C 324 -20.41 -7.49 -34.10
N VAL C 325 -19.91 -7.76 -35.29
CA VAL C 325 -20.75 -7.84 -36.47
C VAL C 325 -20.47 -9.17 -37.17
N GLU C 326 -21.53 -9.80 -37.67
CA GLU C 326 -21.38 -11.06 -38.37
C GLU C 326 -20.42 -10.88 -39.54
N ASP C 327 -19.40 -11.72 -39.60
CA ASP C 327 -18.41 -11.57 -40.66
C ASP C 327 -19.02 -12.04 -41.98
N VAL C 328 -19.03 -11.15 -42.97
CA VAL C 328 -19.57 -11.51 -44.28
C VAL C 328 -18.66 -12.51 -44.98
N ALA C 329 -17.35 -12.49 -44.69
CA ALA C 329 -16.43 -13.43 -45.31
C ALA C 329 -16.61 -14.83 -44.75
N THR C 330 -16.14 -15.82 -45.53
CA THR C 330 -16.20 -17.21 -45.09
C THR C 330 -15.28 -17.49 -43.91
N SER C 331 -14.26 -16.66 -43.69
CA SER C 331 -13.43 -16.81 -42.51
C SER C 331 -14.25 -16.43 -41.28
N GLN C 332 -14.23 -17.29 -40.27
CA GLN C 332 -14.97 -17.03 -39.04
C GLN C 332 -14.03 -16.55 -37.94
N ASP C 333 -13.62 -15.29 -38.08
CA ASP C 333 -12.86 -14.56 -37.07
C ASP C 333 -13.83 -13.75 -36.22
N ASP C 334 -13.26 -12.98 -35.30
CA ASP C 334 -14.03 -12.01 -34.53
C ASP C 334 -13.81 -10.64 -35.16
N CYS C 335 -14.89 -10.03 -35.64
CA CYS C 335 -14.85 -8.73 -36.31
C CYS C 335 -15.76 -7.74 -35.59
N TYR C 336 -15.36 -6.46 -35.59
CA TYR C 336 -15.99 -5.43 -34.77
C TYR C 336 -16.13 -4.12 -35.51
N LYS C 337 -17.23 -3.41 -35.24
CA LYS C 337 -17.43 -2.02 -35.66
C LYS C 337 -17.20 -1.08 -34.48
N PHE C 338 -16.57 0.06 -34.74
CA PHE C 338 -16.46 1.14 -33.77
C PHE C 338 -17.82 1.79 -33.57
N ALA C 339 -18.37 1.69 -32.35
CA ALA C 339 -19.72 2.19 -32.06
C ALA C 339 -19.71 3.52 -31.30
N ILE C 340 -18.71 4.36 -31.54
CA ILE C 340 -18.73 5.76 -31.12
C ILE C 340 -18.75 6.58 -32.40
N SER C 341 -19.73 7.46 -32.52
CA SER C 341 -19.99 8.22 -33.73
C SER C 341 -19.92 9.71 -33.43
N GLN C 342 -19.58 10.49 -34.44
CA GLN C 342 -19.59 11.94 -34.34
C GLN C 342 -21.00 12.47 -34.46
N SER C 343 -21.31 13.48 -33.66
CA SER C 343 -22.65 14.06 -33.67
C SER C 343 -22.58 15.57 -33.86
N SER C 344 -23.63 16.12 -34.44
CA SER C 344 -23.78 17.57 -34.55
C SER C 344 -24.97 18.05 -33.74
N THR C 345 -25.61 17.15 -32.99
CA THR C 345 -26.82 17.45 -32.23
C THR C 345 -26.65 17.08 -30.76
N GLY C 346 -25.42 17.06 -30.27
CA GLY C 346 -25.17 16.81 -28.86
C GLY C 346 -24.76 15.37 -28.58
N THR C 347 -24.59 15.06 -27.30
CA THR C 347 -24.26 13.70 -26.90
C THR C 347 -25.50 12.84 -26.91
N VAL C 348 -25.38 11.62 -27.46
CA VAL C 348 -26.44 10.64 -27.40
C VAL C 348 -25.88 9.43 -26.68
N MET C 349 -26.38 9.15 -25.49
CA MET C 349 -26.04 7.91 -24.79
C MET C 349 -27.00 6.85 -25.28
N GLY C 350 -26.55 6.11 -26.28
CA GLY C 350 -27.37 5.13 -26.94
C GLY C 350 -27.32 3.80 -26.23
N ALA C 351 -27.86 2.79 -26.92
CA ALA C 351 -28.01 1.45 -26.32
C ALA C 351 -26.69 0.90 -25.83
N VAL C 352 -25.57 1.21 -26.50
CA VAL C 352 -24.30 0.66 -26.05
C VAL C 352 -23.87 1.27 -24.73
N ILE C 353 -24.33 2.47 -24.42
CA ILE C 353 -24.11 2.98 -23.08
C ILE C 353 -25.06 2.31 -22.10
N MET C 354 -26.35 2.22 -22.47
CA MET C 354 -27.35 1.72 -21.54
C MET C 354 -27.17 0.23 -21.23
N GLU C 355 -26.66 -0.55 -22.18
CA GLU C 355 -26.52 -1.99 -21.96
C GLU C 355 -25.52 -2.27 -20.85
N GLY C 356 -25.86 -3.21 -19.98
CA GLY C 356 -25.06 -3.43 -18.79
C GLY C 356 -25.33 -2.47 -17.66
N PHE C 357 -26.21 -1.48 -17.83
CA PHE C 357 -26.70 -0.69 -16.73
C PHE C 357 -28.21 -0.88 -16.60
N TYR C 358 -28.70 -0.72 -15.38
CA TYR C 358 -30.13 -0.63 -15.12
C TYR C 358 -30.47 0.86 -15.02
N VAL C 359 -31.32 1.34 -15.92
CA VAL C 359 -31.52 2.79 -16.05
C VAL C 359 -32.96 3.09 -15.66
N VAL C 360 -33.12 3.92 -14.63
CA VAL C 360 -34.43 4.25 -14.08
C VAL C 360 -34.81 5.63 -14.60
N PHE C 361 -35.90 5.69 -15.35
CA PHE C 361 -36.44 6.96 -15.85
C PHE C 361 -37.48 7.41 -14.86
N ASP C 362 -37.03 8.14 -13.82
CA ASP C 362 -37.87 8.49 -12.68
C ASP C 362 -38.52 9.83 -13.01
N ARG C 363 -39.54 9.75 -13.85
CA ARG C 363 -40.20 10.96 -14.33
C ARG C 363 -40.83 11.74 -13.18
N ALA C 364 -41.37 11.03 -12.19
CA ALA C 364 -42.05 11.68 -11.07
C ALA C 364 -41.11 12.60 -10.32
N ARG C 365 -39.82 12.24 -10.22
CA ARG C 365 -38.85 13.07 -9.52
C ARG C 365 -37.86 13.72 -10.46
N LYS C 366 -38.13 13.72 -11.76
CA LYS C 366 -37.30 14.43 -12.74
C LYS C 366 -35.82 14.05 -12.60
N ARG C 367 -35.57 12.75 -12.57
CA ARG C 367 -34.21 12.27 -12.44
C ARG C 367 -34.07 10.95 -13.17
N ILE C 368 -32.84 10.60 -13.51
CA ILE C 368 -32.52 9.32 -14.11
C ILE C 368 -31.51 8.60 -13.23
N GLY C 369 -31.80 7.35 -12.88
CA GLY C 369 -30.91 6.56 -12.05
C GLY C 369 -30.16 5.53 -12.89
N PHE C 370 -28.92 5.28 -12.48
CA PHE C 370 -28.05 4.29 -13.10
C PHE C 370 -27.54 3.33 -12.03
N ALA C 371 -27.57 2.04 -12.35
CA ALA C 371 -26.94 1.03 -11.51
C ALA C 371 -26.37 -0.06 -12.41
N VAL C 372 -25.39 -0.79 -11.87
CA VAL C 372 -24.82 -1.92 -12.59
C VAL C 372 -25.91 -2.98 -12.78
N SER C 373 -26.11 -3.37 -14.03
CA SER C 373 -27.12 -4.37 -14.35
C SER C 373 -26.69 -5.76 -13.92
N ALA C 374 -27.67 -6.60 -13.60
CA ALA C 374 -27.38 -8.02 -13.41
C ALA C 374 -26.78 -8.63 -14.67
N CYS C 375 -27.18 -8.16 -15.85
CA CYS C 375 -26.63 -8.64 -17.12
C CYS C 375 -25.51 -7.72 -17.62
N HIS C 376 -24.43 -7.64 -16.86
CA HIS C 376 -23.32 -6.75 -17.16
C HIS C 376 -22.30 -7.45 -18.06
N VAL C 377 -21.42 -6.65 -18.66
CA VAL C 377 -20.38 -7.19 -19.53
C VAL C 377 -19.30 -7.86 -18.69
N HIS C 378 -18.87 -9.05 -19.10
CA HIS C 378 -17.94 -9.84 -18.31
C HIS C 378 -16.57 -9.74 -18.96
N ASP C 379 -15.73 -8.84 -18.44
CA ASP C 379 -14.32 -8.78 -18.82
C ASP C 379 -13.51 -9.47 -17.73
N GLU C 380 -12.28 -9.83 -18.08
CA GLU C 380 -11.48 -10.66 -17.18
C GLU C 380 -10.86 -9.85 -16.05
N PHE C 381 -10.34 -8.67 -16.34
CA PHE C 381 -9.71 -7.85 -15.32
C PHE C 381 -10.43 -6.51 -15.08
N ARG C 382 -11.41 -6.14 -15.89
CA ARG C 382 -12.08 -4.85 -15.74
C ARG C 382 -13.58 -5.10 -15.67
N THR C 383 -14.30 -4.18 -15.04
CA THR C 383 -15.73 -4.30 -14.89
C THR C 383 -16.38 -2.94 -15.10
N ALA C 384 -17.47 -2.93 -15.85
CA ALA C 384 -18.30 -1.73 -15.90
C ALA C 384 -18.76 -1.39 -14.49
N ALA C 385 -18.89 -0.09 -14.23
CA ALA C 385 -19.19 0.34 -12.88
C ALA C 385 -20.06 1.58 -12.93
N VAL C 386 -20.80 1.77 -11.84
CA VAL C 386 -21.47 3.01 -11.49
C VAL C 386 -20.91 3.36 -10.12
N GLU C 387 -20.17 4.46 -10.04
CA GLU C 387 -19.38 4.74 -8.84
C GLU C 387 -19.54 6.20 -8.44
N GLY C 388 -19.62 6.42 -7.14
CA GLY C 388 -19.68 7.73 -6.55
C GLY C 388 -19.43 7.58 -5.05
N PRO C 389 -19.44 8.70 -4.30
CA PRO C 389 -19.69 10.04 -4.84
C PRO C 389 -18.46 10.70 -5.48
N PHE C 390 -18.73 11.61 -6.40
CA PHE C 390 -17.74 12.54 -6.91
C PHE C 390 -18.28 13.95 -6.73
N VAL C 391 -17.38 14.90 -6.55
CA VAL C 391 -17.73 16.31 -6.49
C VAL C 391 -17.32 16.89 -7.82
N THR C 392 -18.23 17.58 -8.48
CA THR C 392 -17.95 18.02 -9.83
C THR C 392 -18.54 19.40 -10.05
N LEU C 393 -18.36 19.87 -11.29
CA LEU C 393 -18.98 21.10 -11.76
C LEU C 393 -20.49 20.88 -11.85
N ASP C 394 -21.23 21.98 -11.96
CA ASP C 394 -22.69 21.88 -11.95
C ASP C 394 -23.31 22.36 -13.27
N MET C 395 -24.63 22.50 -13.22
CA MET C 395 -25.40 22.79 -14.43
C MET C 395 -25.01 24.12 -15.04
N GLU C 396 -24.75 25.13 -14.21
CA GLU C 396 -24.35 26.42 -14.74
C GLU C 396 -23.00 26.34 -15.46
N ASP C 397 -22.07 25.54 -14.93
CA ASP C 397 -20.78 25.43 -15.60
C ASP C 397 -20.80 24.54 -16.84
N CYS C 398 -21.73 23.58 -16.91
CA CYS C 398 -21.68 22.55 -17.95
C CYS C 398 -22.86 22.53 -18.89
N GLY C 399 -24.01 23.11 -18.52
CA GLY C 399 -25.16 23.09 -19.40
C GLY C 399 -25.04 24.09 -20.53
N TYR C 400 -25.44 23.67 -21.73
CA TYR C 400 -25.44 24.56 -22.87
C TYR C 400 -26.77 25.32 -22.91
N ASN C 401 -26.72 26.59 -23.31
CA ASN C 401 -27.91 27.43 -23.44
C ASN C 401 -28.05 28.03 -24.84
N1 0BI D . 17.40 4.07 1.53
C3 0BI D . 17.68 4.81 2.74
C5 0BI D . 18.73 5.88 2.44
C8 0BI D . 19.93 5.29 1.71
C9 0BI D . 20.04 5.41 0.33
C11 0BI D . 21.13 4.85 -0.32
C12 0BI D . 22.10 4.16 0.37
C14 0BI D . 21.98 4.03 1.74
C16 0BI D . 20.91 4.59 2.42
O18 0BI D . 21.34 4.91 -1.68
C19 0BI D . 20.50 5.76 -2.47
C22 0BI D . 20.40 5.12 -3.83
C25 0BI D . 19.58 3.83 -3.81
C28 0BI D . 18.08 4.16 -3.54
N31 0BI D . 17.28 2.97 -3.47
C33 0BI D . 17.08 2.27 -2.29
C34 0BI D . 17.35 2.85 -1.05
C36 0BI D . 17.12 2.13 0.12
C37 0BI D . 16.66 0.82 0.05
C39 0BI D . 16.40 0.23 -1.16
C40 0BI D . 16.61 0.96 -2.34
C42 0BI D . 15.90 -1.19 -1.22
O45 0BI D . 14.49 -1.24 -1.08
C46 0BI D . 13.85 -1.77 -2.25
C50 0BI D . 17.39 2.73 1.47
O51 0BI D . 17.57 2.02 2.45
C52 0BI D . 16.43 5.46 3.31
O54 0BI D . 16.77 6.17 4.50
C56 0BI D . 15.39 4.38 3.62
N59 0BI D . 14.24 4.95 4.34
C61 0BI D . 13.40 3.94 5.00
C62 0BI D . 12.00 4.35 5.37
C65 0BI D . 12.20 3.50 4.15
C68 0BI D . 14.06 3.34 6.22
C69 0BI D . 14.51 4.11 7.29
C71 0BI D . 15.12 3.53 8.39
C72 0BI D . 15.29 2.17 8.41
C74 0BI D . 14.86 1.38 7.36
C76 0BI D . 14.24 1.97 6.27
C78 0BI D . 15.62 4.39 9.55
C80 0BI D . 17.11 4.71 9.38
C84 0BI D . 14.84 5.68 9.72
N1 0BI E . 14.35 -20.82 28.44
C3 0BI E . 15.36 -21.74 27.92
C5 0BI E . 15.41 -21.61 26.39
C8 0BI E . 14.02 -21.61 25.79
C9 0BI E . 13.38 -20.42 25.47
C11 0BI E . 12.10 -20.43 24.90
C12 0BI E . 11.43 -21.62 24.72
C14 0BI E . 12.06 -22.81 25.05
C16 0BI E . 13.34 -22.80 25.58
O18 0BI E . 11.36 -19.34 24.53
C19 0BI E . 11.96 -18.04 24.60
C22 0BI E . 10.89 -17.06 24.98
C25 0BI E . 10.42 -17.21 26.41
C28 0BI E . 11.47 -16.71 27.41
N31 0BI E . 11.03 -16.90 28.78
C33 0BI E . 11.26 -18.07 29.47
C34 0BI E . 12.17 -19.01 28.99
C36 0BI E . 12.40 -20.17 29.71
C37 0BI E . 11.69 -20.42 30.89
C39 0BI E . 10.77 -19.51 31.35
C40 0BI E . 10.55 -18.33 30.64
C42 0BI E . 10.02 -19.78 32.62
O45 0BI E . 10.62 -19.11 33.69
C46 0BI E . 9.84 -18.01 34.16
C50 0BI E . 13.38 -21.21 29.27
O51 0BI E . 13.30 -22.35 29.70
C52 0BI E . 16.74 -21.51 28.55
O54 0BI E . 17.68 -22.44 28.01
C56 0BI E . 16.63 -21.75 30.04
N59 0BI E . 18.00 -21.88 30.58
C61 0BI E . 18.04 -22.44 31.93
C62 0BI E . 19.25 -22.08 32.76
C65 0BI E . 17.95 -21.36 33.02
C68 0BI E . 17.89 -23.93 31.97
C69 0BI E . 18.68 -24.77 31.20
C71 0BI E . 18.50 -26.16 31.23
C72 0BI E . 17.51 -26.68 32.04
C74 0BI E . 16.72 -25.86 32.81
C76 0BI E . 16.90 -24.49 32.76
C78 0BI E . 19.36 -27.06 30.38
C80 0BI E . 18.88 -27.09 28.94
C84 0BI E . 20.84 -26.65 30.44
N1 0BI F . -33.26 6.37 -33.73
C3 0BI F . -34.55 6.94 -33.38
C5 0BI F . -35.59 5.81 -33.23
C8 0BI F . -35.54 4.84 -34.36
C9 0BI F . -34.79 3.67 -34.27
C11 0BI F . -34.75 2.78 -35.34
C12 0BI F . -35.44 3.04 -36.52
C14 0BI F . -36.17 4.22 -36.62
C16 0BI F . -36.22 5.09 -35.55
O18 0BI F . -34.07 1.59 -35.38
C19 0BI F . -33.63 1.01 -34.16
C22 0BI F . -32.36 0.29 -34.51
C25 0BI F . -31.28 1.20 -35.04
C28 0BI F . -30.60 1.97 -33.88
N31 0BI F . -29.57 2.85 -34.39
C33 0BI F . -29.83 4.13 -34.86
C34 0BI F . -31.03 4.76 -34.58
C36 0BI F . -31.24 6.07 -35.02
C37 0BI F . -30.26 6.71 -35.78
C39 0BI F . -29.07 6.08 -36.07
C40 0BI F . -28.85 4.79 -35.60
C42 0BI F . -28.00 6.81 -36.88
O45 0BI F . -27.22 7.63 -36.05
C46 0BI F . -25.94 7.06 -35.78
C50 0BI F . -32.53 6.79 -34.77
O51 0BI F . -32.90 7.72 -35.50
C52 0BI F . -34.48 7.80 -32.10
O54 0BI F . -35.77 8.32 -31.78
C56 0BI F . -33.50 8.97 -32.29
N59 0BI F . -33.61 9.92 -31.16
C61 0BI F . -33.04 11.25 -31.50
C62 0BI F . -32.68 12.13 -30.32
C65 0BI F . -31.58 11.38 -31.02
C68 0BI F . -33.85 12.04 -32.47
C69 0BI F . -35.19 12.40 -32.25
C71 0BI F . -35.91 13.13 -33.20
C72 0BI F . -35.28 13.50 -34.38
C74 0BI F . -33.97 13.15 -34.62
C76 0BI F . -33.26 12.42 -33.67
C78 0BI F . -37.36 13.51 -32.95
C80 0BI F . -38.30 12.37 -33.39
C84 0BI F . -37.62 13.86 -31.52
#